data_5BOX
#
_entry.id   5BOX
#
_cell.length_a   83.619
_cell.length_b   105.790
_cell.length_c   93.235
_cell.angle_alpha   90.000
_cell.angle_beta   96.750
_cell.angle_gamma   90.000
#
_symmetry.space_group_name_H-M   'P 1 21 1'
#
loop_
_entity.id
_entity.type
_entity.pdbx_description
1 polymer 'Putative HTH-type transcriptional regulator TrmBL2'
2 polymer 'DNA TGM (25-MER)'
3 polymer 'DNA (25-MER)'
4 non-polymer GLYCEROL
5 non-polymer (4S)-2-METHYL-2,4-PENTANEDIOL
6 water water
#
loop_
_entity_poly.entity_id
_entity_poly.type
_entity_poly.pdbx_seq_one_letter_code
_entity_poly.pdbx_strand_id
1 'polypeptide(L)'
;SKDRMVELLQEHFELNLYEARAYVALVAFGVLTPAELASVSEVPAPRTYDVLRSLEKKGFAMTQPGKTNKYRPVHPANVL
EKFIQDWQERVKEELEAKKKAKEELLELMAPLIETEVPKYGVERVWVVRGIKNSTLKTKEMLEEAQNEILLADDGFIAVN
LEDDIIKAVDRGVKTKILLTKNLLPRLKASKIIDYAKEGKLELRALDKFDLPMLICDEEVFFALEDLAARYFNYETQVWI
KDHRVVALFKEKFNEYWEKAEKV
;
A,B,C,D
2 'polydeoxyribonucleotide'
;(DG)(DT)(DA)(DG)(DT)(DA)(DT)(DC)(DA)(DT)(DC)(DG)(DA)(DT)(DA)(DG)(DT)(DG)(DA)(DT)
(DA)(DC)(DT)(DA)(DC)
;
E
3 'polydeoxyribonucleotide'
;(DG)(DT)(DA)(DG)(DT)(DA)(DT)(DC)(DA)(DC)(DT)(DA)(DT)(DC)(DG)(DA)(DT)(DG)(DA)(DT)
(DA)(DC)(DT)(DA)(DC)
;
F
#
# COMPACT_ATOMS: atom_id res chain seq x y z
N SER A 1 24.01 31.65 -17.13
CA SER A 1 22.63 32.00 -17.47
C SER A 1 21.69 31.53 -16.39
N LYS A 2 20.60 32.26 -16.19
CA LYS A 2 19.61 31.88 -15.19
C LYS A 2 18.85 30.66 -15.67
N ASP A 3 18.67 30.56 -16.98
CA ASP A 3 18.02 29.40 -17.57
C ASP A 3 18.73 28.12 -17.13
N ARG A 4 20.06 28.18 -17.13
CA ARG A 4 20.87 27.03 -16.72
C ARG A 4 20.72 26.75 -15.23
N MET A 5 20.70 27.81 -14.42
CA MET A 5 20.52 27.63 -12.99
C MET A 5 19.18 26.97 -12.69
N VAL A 6 18.14 27.45 -13.36
CA VAL A 6 16.80 26.91 -13.17
C VAL A 6 16.75 25.45 -13.59
N GLU A 7 17.38 25.13 -14.72
CA GLU A 7 17.40 23.77 -15.24
C GLU A 7 17.98 22.81 -14.19
N LEU A 8 19.08 23.21 -13.54
CA LEU A 8 19.76 22.34 -12.59
C LEU A 8 18.93 22.11 -11.32
N LEU A 9 18.30 23.17 -10.81
CA LEU A 9 17.50 23.07 -9.59
C LEU A 9 16.33 22.12 -9.79
N GLN A 10 15.76 22.16 -10.98
CA GLN A 10 14.66 21.27 -11.32
C GLN A 10 15.15 19.85 -11.43
N GLU A 11 16.29 19.68 -12.08
CA GLU A 11 16.79 18.38 -12.44
C GLU A 11 17.33 17.57 -11.25
N HIS A 12 17.84 18.26 -10.23
CA HIS A 12 18.57 17.59 -9.17
C HIS A 12 18.14 17.92 -7.75
N PHE A 13 17.30 18.94 -7.58
CA PHE A 13 16.95 19.38 -6.23
C PHE A 13 15.45 19.53 -6.04
N GLU A 14 14.69 18.86 -6.91
CA GLU A 14 13.26 18.67 -6.70
C GLU A 14 12.49 19.98 -6.54
N LEU A 15 12.76 20.93 -7.43
CA LEU A 15 11.99 22.17 -7.48
C LEU A 15 11.31 22.28 -8.82
N ASN A 16 10.04 22.65 -8.82
CA ASN A 16 9.34 22.85 -10.08
C ASN A 16 9.84 24.12 -10.74
N LEU A 17 9.32 24.41 -11.93
CA LEU A 17 9.76 25.57 -12.70
C LEU A 17 9.64 26.87 -11.92
N TYR A 18 8.47 27.08 -11.31
CA TYR A 18 8.20 28.31 -10.60
C TYR A 18 9.05 28.50 -9.34
N GLU A 19 9.11 27.46 -8.50
CA GLU A 19 9.92 27.52 -7.30
C GLU A 19 11.38 27.79 -7.67
N ALA A 20 11.83 27.14 -8.74
CA ALA A 20 13.21 27.25 -9.20
C ALA A 20 13.54 28.67 -9.67
N ARG A 21 12.65 29.26 -10.46
CA ARG A 21 12.81 30.65 -10.87
C ARG A 21 12.82 31.59 -9.66
N ALA A 22 11.97 31.29 -8.67
CA ALA A 22 11.88 32.11 -7.47
C ALA A 22 13.20 32.14 -6.73
N TYR A 23 13.76 30.97 -6.44
CA TYR A 23 14.98 30.89 -5.66
C TYR A 23 16.14 31.55 -6.38
N VAL A 24 16.15 31.48 -7.71
CA VAL A 24 17.17 32.18 -8.46
C VAL A 24 16.94 33.68 -8.29
N ALA A 25 15.68 34.10 -8.35
CA ALA A 25 15.36 35.51 -8.14
C ALA A 25 15.82 35.97 -6.76
N LEU A 26 15.50 35.17 -5.76
CA LEU A 26 15.87 35.49 -4.39
C LEU A 26 17.37 35.58 -4.24
N VAL A 27 18.09 34.67 -4.89
CA VAL A 27 19.54 34.69 -4.83
C VAL A 27 20.05 35.94 -5.53
N ALA A 28 19.46 36.27 -6.67
CA ALA A 28 19.91 37.42 -7.44
C ALA A 28 19.63 38.75 -6.71
N PHE A 29 18.44 38.88 -6.14
CA PHE A 29 17.96 40.15 -5.60
C PHE A 29 17.92 40.22 -4.06
N GLY A 30 18.38 39.16 -3.40
CA GLY A 30 18.39 39.18 -1.94
C GLY A 30 17.00 39.05 -1.32
N VAL A 31 16.47 40.17 -0.83
CA VAL A 31 15.16 40.18 -0.17
C VAL A 31 14.06 40.60 -1.13
N LEU A 32 13.02 39.80 -1.21
CA LEU A 32 11.89 40.07 -2.11
C LEU A 32 10.57 39.84 -1.42
N THR A 33 9.54 40.54 -1.90
CA THR A 33 8.17 40.21 -1.55
C THR A 33 7.50 39.56 -2.75
N PRO A 34 6.36 38.89 -2.52
CA PRO A 34 5.64 38.24 -3.60
C PRO A 34 5.42 39.18 -4.77
N ALA A 35 5.04 40.43 -4.48
CA ALA A 35 4.82 41.40 -5.53
C ALA A 35 6.11 41.65 -6.28
N GLU A 36 7.19 41.87 -5.54
CA GLU A 36 8.49 42.16 -6.12
C GLU A 36 9.01 40.99 -6.95
N LEU A 37 8.85 39.79 -6.42
CA LEU A 37 9.26 38.57 -7.12
C LEU A 37 8.69 38.55 -8.53
N ALA A 38 7.41 38.90 -8.63
CA ALA A 38 6.71 38.90 -9.90
C ALA A 38 7.37 39.86 -10.88
N SER A 39 7.80 41.00 -10.37
CA SER A 39 8.38 42.04 -11.22
C SER A 39 9.76 41.65 -11.78
N VAL A 40 10.47 40.80 -11.04
CA VAL A 40 11.83 40.45 -11.42
C VAL A 40 11.95 38.98 -11.85
N SER A 41 10.83 38.33 -12.12
CA SER A 41 10.86 36.93 -12.53
C SER A 41 9.71 36.57 -13.46
N GLU A 42 9.77 35.35 -14.00
CA GLU A 42 8.71 34.83 -14.86
C GLU A 42 7.76 33.97 -14.04
N VAL A 43 7.78 34.15 -12.72
CA VAL A 43 6.79 33.52 -11.85
C VAL A 43 5.51 34.34 -11.89
N PRO A 44 4.42 33.72 -12.36
CA PRO A 44 3.11 34.38 -12.40
C PRO A 44 2.76 35.05 -11.06
N ALA A 45 2.29 36.29 -11.11
CA ALA A 45 1.96 37.04 -9.90
C ALA A 45 1.09 36.24 -8.93
N PRO A 46 -0.01 35.67 -9.43
CA PRO A 46 -0.90 34.86 -8.59
C PRO A 46 -0.19 33.70 -7.89
N ARG A 47 0.89 33.21 -8.48
CA ARG A 47 1.55 32.03 -7.94
C ARG A 47 2.69 32.38 -6.99
N THR A 48 3.18 33.61 -7.06
CA THR A 48 4.33 34.04 -6.25
C THR A 48 4.13 33.72 -4.78
N TYR A 49 2.95 34.06 -4.26
CA TYR A 49 2.62 33.87 -2.86
C TYR A 49 2.84 32.42 -2.41
N ASP A 50 2.17 31.48 -3.08
CA ASP A 50 2.29 30.08 -2.67
C ASP A 50 3.65 29.50 -3.05
N VAL A 51 4.23 29.96 -4.16
CA VAL A 51 5.54 29.46 -4.59
C VAL A 51 6.63 29.81 -3.57
N LEU A 52 6.60 31.05 -3.08
CA LEU A 52 7.56 31.50 -2.09
C LEU A 52 7.36 30.75 -0.78
N ARG A 53 6.10 30.55 -0.42
CA ARG A 53 5.77 29.78 0.77
C ARG A 53 6.27 28.36 0.63
N SER A 54 6.37 27.91 -0.61
CA SER A 54 6.86 26.57 -0.91
C SER A 54 8.37 26.50 -0.68
N LEU A 55 9.10 27.48 -1.22
CA LEU A 55 10.55 27.54 -1.03
C LEU A 55 10.84 27.63 0.46
N GLU A 56 9.91 28.22 1.20
CA GLU A 56 10.01 28.34 2.64
C GLU A 56 10.09 26.97 3.32
N LYS A 57 9.12 26.11 3.06
CA LYS A 57 9.05 24.82 3.72
C LYS A 57 10.19 23.92 3.24
N LYS A 58 10.58 24.09 1.98
CA LYS A 58 11.63 23.29 1.37
C LYS A 58 13.03 23.63 1.88
N GLY A 59 13.16 24.78 2.55
CA GLY A 59 14.42 25.19 3.13
C GLY A 59 15.26 26.08 2.23
N PHE A 60 14.63 26.64 1.21
CA PHE A 60 15.31 27.49 0.25
C PHE A 60 15.10 28.97 0.57
N ALA A 61 14.30 29.26 1.58
CA ALA A 61 13.95 30.63 1.89
C ALA A 61 13.59 30.81 3.36
N MET A 62 13.98 31.96 3.89
CA MET A 62 13.52 32.41 5.21
C MET A 62 12.55 33.56 5.00
N THR A 63 11.73 33.85 6.00
CA THR A 63 10.68 34.82 5.77
C THR A 63 10.38 35.73 6.96
N GLN A 64 9.83 36.90 6.66
CA GLN A 64 9.27 37.76 7.68
C GLN A 64 7.76 37.84 7.51
N PRO A 65 7.02 37.12 8.36
CA PRO A 65 5.55 37.13 8.33
C PRO A 65 4.97 38.49 8.68
N GLY A 66 4.28 39.12 7.72
CA GLY A 66 3.65 40.40 7.95
C GLY A 66 2.52 40.68 6.98
N LYS A 67 1.98 41.89 7.03
CA LYS A 67 0.91 42.29 6.12
C LYS A 67 1.37 42.06 4.69
N THR A 68 2.67 42.26 4.47
CA THR A 68 3.31 41.90 3.22
C THR A 68 4.59 41.14 3.54
N ASN A 69 4.52 39.82 3.39
CA ASN A 69 5.64 38.94 3.69
C ASN A 69 6.85 39.23 2.81
N LYS A 70 8.02 39.29 3.44
CA LYS A 70 9.25 39.39 2.68
C LYS A 70 10.09 38.13 2.90
N TYR A 71 10.83 37.75 1.87
CA TYR A 71 11.61 36.52 1.87
C TYR A 71 13.08 36.76 1.53
N ARG A 72 13.96 36.05 2.22
CA ARG A 72 15.38 35.99 1.88
C ARG A 72 15.74 34.55 1.53
N PRO A 73 16.64 34.38 0.55
CA PRO A 73 17.10 33.03 0.17
C PRO A 73 18.02 32.43 1.22
N VAL A 74 17.89 31.14 1.47
CA VAL A 74 18.91 30.44 2.23
C VAL A 74 20.12 30.35 1.31
N HIS A 75 21.32 30.31 1.87
CA HIS A 75 22.52 30.27 1.05
C HIS A 75 22.66 28.95 0.30
N PRO A 76 22.76 29.03 -1.05
CA PRO A 76 22.82 27.84 -1.89
C PRO A 76 23.79 26.78 -1.38
N ALA A 77 24.92 27.20 -0.83
CA ALA A 77 25.90 26.25 -0.32
C ALA A 77 25.34 25.46 0.85
N ASN A 78 24.44 26.07 1.61
CA ASN A 78 23.87 25.41 2.76
C ASN A 78 22.73 24.50 2.35
N VAL A 79 21.84 25.04 1.53
CA VAL A 79 20.63 24.32 1.15
C VAL A 79 20.96 23.15 0.21
N LEU A 80 21.72 23.43 -0.85
CA LEU A 80 22.05 22.40 -1.83
C LEU A 80 22.79 21.24 -1.16
N GLU A 81 23.70 21.57 -0.26
CA GLU A 81 24.44 20.55 0.46
C GLU A 81 23.54 19.81 1.42
N LYS A 82 22.68 20.56 2.09
CA LYS A 82 21.70 20.00 3.01
C LYS A 82 20.84 18.97 2.30
N PHE A 83 20.34 19.35 1.12
CA PHE A 83 19.50 18.47 0.32
C PHE A 83 20.17 17.13 0.02
N ILE A 84 21.40 17.19 -0.47
CA ILE A 84 22.14 16.00 -0.86
C ILE A 84 22.31 15.02 0.29
N GLN A 85 22.77 15.50 1.43
CA GLN A 85 22.95 14.64 2.59
C GLN A 85 21.61 14.07 3.06
N ASP A 86 20.56 14.89 3.04
CA ASP A 86 19.23 14.39 3.40
C ASP A 86 18.82 13.28 2.43
N TRP A 87 18.97 13.55 1.14
CA TRP A 87 18.69 12.57 0.10
C TRP A 87 19.44 11.27 0.36
N GLN A 88 20.72 11.38 0.69
CA GLN A 88 21.53 10.20 0.95
C GLN A 88 20.93 9.35 2.07
N GLU A 89 20.30 9.99 3.04
CA GLU A 89 19.72 9.26 4.16
C GLU A 89 18.42 8.57 3.74
N ARG A 90 17.71 9.17 2.79
CA ARG A 90 16.51 8.53 2.26
C ARG A 90 16.93 7.29 1.48
N VAL A 91 17.93 7.46 0.63
CA VAL A 91 18.51 6.34 -0.12
C VAL A 91 18.93 5.24 0.85
N LYS A 92 19.61 5.63 1.92
CA LYS A 92 20.06 4.68 2.93
C LYS A 92 18.89 3.90 3.52
N GLU A 93 17.72 4.51 3.53
CA GLU A 93 16.53 3.85 4.05
C GLU A 93 15.89 2.93 3.01
N GLU A 94 15.68 3.47 1.81
CA GLU A 94 15.07 2.70 0.74
C GLU A 94 15.92 1.45 0.46
N LEU A 95 17.22 1.56 0.68
CA LEU A 95 18.13 0.44 0.49
C LEU A 95 17.85 -0.65 1.53
N GLU A 96 17.84 -0.25 2.79
CA GLU A 96 17.59 -1.20 3.87
C GLU A 96 16.23 -1.86 3.65
N ALA A 97 15.28 -1.11 3.12
CA ALA A 97 13.97 -1.64 2.79
C ALA A 97 14.07 -2.74 1.75
N LYS A 98 14.79 -2.44 0.66
CA LYS A 98 14.96 -3.37 -0.44
C LYS A 98 15.53 -4.71 0.04
N LYS A 99 16.48 -4.65 0.96
CA LYS A 99 17.13 -5.86 1.47
C LYS A 99 16.13 -6.70 2.26
N LYS A 100 15.37 -6.05 3.14
CA LYS A 100 14.37 -6.74 3.93
C LYS A 100 13.27 -7.30 3.05
N ALA A 101 12.95 -6.55 1.99
CA ALA A 101 11.95 -7.00 1.02
C ALA A 101 12.40 -8.28 0.35
N LYS A 102 13.66 -8.30 -0.09
CA LYS A 102 14.26 -9.46 -0.73
C LYS A 102 14.27 -10.66 0.22
N GLU A 103 14.76 -10.45 1.42
CA GLU A 103 14.82 -11.50 2.42
C GLU A 103 13.46 -12.15 2.58
N GLU A 104 12.43 -11.32 2.69
CA GLU A 104 11.07 -11.80 2.89
C GLU A 104 10.56 -12.53 1.65
N LEU A 105 10.76 -11.93 0.49
CA LEU A 105 10.33 -12.54 -0.77
C LEU A 105 10.89 -13.94 -0.89
N LEU A 106 12.16 -14.10 -0.53
CA LEU A 106 12.81 -15.41 -0.61
C LEU A 106 12.18 -16.39 0.36
N GLU A 107 11.69 -15.88 1.48
CA GLU A 107 11.05 -16.73 2.48
C GLU A 107 9.65 -17.12 2.02
N LEU A 108 8.98 -16.20 1.34
CA LEU A 108 7.64 -16.46 0.81
C LEU A 108 7.67 -17.39 -0.40
N MET A 109 8.65 -17.20 -1.26
CA MET A 109 8.76 -17.99 -2.48
C MET A 109 9.44 -19.33 -2.22
N ALA A 110 9.90 -19.54 -0.99
CA ALA A 110 10.59 -20.76 -0.61
C ALA A 110 9.77 -22.02 -0.97
N PRO A 111 8.53 -22.09 -0.49
CA PRO A 111 7.64 -23.22 -0.80
C PRO A 111 7.27 -23.31 -2.29
N LEU A 112 7.34 -22.19 -2.99
CA LEU A 112 6.87 -22.10 -4.37
C LEU A 112 7.94 -22.40 -5.42
N ILE A 113 9.21 -22.31 -5.02
CA ILE A 113 10.31 -22.50 -5.98
C ILE A 113 10.18 -23.84 -6.69
N GLU A 114 9.95 -23.80 -8.01
CA GLU A 114 9.72 -25.00 -8.78
C GLU A 114 10.90 -25.32 -9.70
N THR A 115 11.49 -26.50 -9.48
CA THR A 115 12.64 -26.94 -10.28
C THR A 115 12.21 -27.75 -11.50
N GLU A 116 11.15 -28.54 -11.36
CA GLU A 116 10.68 -29.37 -12.45
C GLU A 116 10.17 -28.53 -13.62
N VAL A 117 10.38 -29.02 -14.84
CA VAL A 117 9.98 -28.28 -16.03
C VAL A 117 8.90 -29.05 -16.79
N PRO A 118 7.69 -28.49 -16.86
CA PRO A 118 6.59 -29.12 -17.60
C PRO A 118 6.84 -29.16 -19.10
N LYS A 119 6.63 -30.33 -19.71
CA LYS A 119 6.83 -30.50 -21.14
C LYS A 119 5.50 -30.46 -21.87
N TYR A 120 4.43 -30.34 -21.09
CA TYR A 120 3.08 -30.28 -21.63
C TYR A 120 2.49 -28.94 -21.25
N GLY A 121 2.82 -28.50 -20.04
CA GLY A 121 2.41 -27.20 -19.56
C GLY A 121 1.63 -27.24 -18.27
N VAL A 122 0.67 -26.35 -18.17
CA VAL A 122 -0.19 -26.26 -17.00
C VAL A 122 -1.25 -27.37 -17.03
N GLU A 123 -1.38 -28.05 -18.17
CA GLU A 123 -2.39 -29.09 -18.32
C GLU A 123 -2.00 -30.41 -17.67
N ARG A 124 -2.87 -30.87 -16.78
CA ARG A 124 -2.71 -32.17 -16.13
C ARG A 124 -3.91 -33.04 -16.50
N VAL A 125 -4.72 -32.56 -17.43
CA VAL A 125 -5.84 -33.31 -17.97
C VAL A 125 -5.97 -33.07 -19.46
N TRP A 126 -6.03 -34.15 -20.22
CA TRP A 126 -6.12 -34.05 -21.67
C TRP A 126 -7.19 -35.04 -22.17
N VAL A 127 -8.10 -34.55 -23.02
CA VAL A 127 -9.16 -35.37 -23.57
C VAL A 127 -8.94 -35.63 -25.04
N VAL A 128 -8.83 -36.91 -25.40
CA VAL A 128 -8.51 -37.30 -26.76
C VAL A 128 -9.62 -38.15 -27.35
N ARG A 129 -9.86 -37.97 -28.65
CA ARG A 129 -10.84 -38.75 -29.39
C ARG A 129 -10.20 -39.20 -30.70
N GLY A 130 -10.63 -40.36 -31.20
CA GLY A 130 -10.08 -40.87 -32.44
C GLY A 130 -8.86 -41.73 -32.20
N ILE A 131 -8.31 -42.28 -33.28
CA ILE A 131 -7.13 -43.13 -33.18
C ILE A 131 -5.83 -42.39 -33.39
N LYS A 132 -5.87 -41.35 -34.22
CA LYS A 132 -4.65 -40.58 -34.49
C LYS A 132 -4.13 -39.90 -33.22
N ASN A 133 -4.99 -39.19 -32.52
CA ASN A 133 -4.56 -38.42 -31.35
C ASN A 133 -4.28 -39.30 -30.14
N SER A 134 -4.99 -40.41 -30.01
CA SER A 134 -4.77 -41.32 -28.89
C SER A 134 -3.42 -42.03 -29.02
N THR A 135 -2.98 -42.24 -30.26
CA THR A 135 -1.68 -42.86 -30.50
C THR A 135 -0.56 -41.86 -30.29
N LEU A 136 -0.75 -40.63 -30.76
CA LEU A 136 0.25 -39.60 -30.57
C LEU A 136 0.46 -39.34 -29.07
N LYS A 137 -0.59 -39.51 -28.29
CA LYS A 137 -0.51 -39.26 -26.84
C LYS A 137 0.16 -40.42 -26.13
N THR A 138 -0.13 -41.64 -26.57
CA THR A 138 0.53 -42.82 -26.01
C THR A 138 2.02 -42.80 -26.35
N LYS A 139 2.35 -42.38 -27.57
CA LYS A 139 3.74 -42.27 -27.99
C LYS A 139 4.51 -41.29 -27.10
N GLU A 140 3.90 -40.13 -26.86
CA GLU A 140 4.49 -39.10 -26.01
C GLU A 140 4.69 -39.66 -24.60
N MET A 141 3.72 -40.43 -24.13
CA MET A 141 3.78 -41.01 -22.79
C MET A 141 4.94 -41.98 -22.68
N LEU A 142 5.13 -42.78 -23.73
CA LEU A 142 6.19 -43.79 -23.76
C LEU A 142 7.56 -43.14 -23.93
N GLU A 143 7.60 -42.02 -24.63
CA GLU A 143 8.86 -41.28 -24.83
C GLU A 143 9.31 -40.60 -23.54
N GLU A 144 8.35 -40.04 -22.82
CA GLU A 144 8.65 -39.32 -21.59
C GLU A 144 8.80 -40.25 -20.39
N ALA A 145 8.59 -41.54 -20.61
CA ALA A 145 8.67 -42.51 -19.53
C ALA A 145 10.10 -42.65 -19.02
N GLN A 146 10.27 -42.59 -17.71
CA GLN A 146 11.61 -42.64 -17.13
C GLN A 146 11.72 -43.67 -16.01
N ASN A 147 10.58 -44.08 -15.47
CA ASN A 147 10.60 -45.01 -14.34
C ASN A 147 9.95 -46.34 -14.67
N GLU A 148 8.63 -46.33 -14.83
CA GLU A 148 7.92 -47.57 -15.10
C GLU A 148 6.80 -47.37 -16.11
N ILE A 149 6.55 -48.41 -16.89
CA ILE A 149 5.44 -48.43 -17.83
C ILE A 149 4.54 -49.62 -17.47
N LEU A 150 3.28 -49.32 -17.16
CA LEU A 150 2.30 -50.36 -16.86
C LEU A 150 1.22 -50.32 -17.92
N LEU A 151 1.13 -51.38 -18.70
CA LEU A 151 0.19 -51.42 -19.82
C LEU A 151 -0.77 -52.61 -19.74
N ALA A 152 -2.02 -52.33 -19.38
CA ALA A 152 -3.07 -53.33 -19.47
C ALA A 152 -3.90 -53.05 -20.71
N ASP A 153 -3.76 -53.88 -21.73
CA ASP A 153 -4.36 -53.56 -23.00
C ASP A 153 -5.47 -54.52 -23.38
N ASP A 154 -6.61 -53.94 -23.77
CA ASP A 154 -7.78 -54.69 -24.16
C ASP A 154 -7.74 -55.07 -25.63
N GLY A 155 -6.90 -54.37 -26.38
CA GLY A 155 -6.76 -54.63 -27.80
C GLY A 155 -5.65 -53.77 -28.38
N PHE A 156 -5.11 -54.18 -29.52
CA PHE A 156 -4.03 -53.44 -30.18
C PHE A 156 -2.66 -53.82 -29.61
N ILE A 157 -1.61 -53.15 -30.09
CA ILE A 157 -0.24 -53.48 -29.71
C ILE A 157 0.10 -54.86 -30.24
N ALA A 158 1.10 -54.94 -31.12
CA ALA A 158 1.91 -53.81 -31.53
C ALA A 158 1.27 -52.87 -32.56
N VAL A 159 0.16 -52.25 -32.21
CA VAL A 159 -0.49 -51.31 -33.12
C VAL A 159 0.35 -50.06 -33.15
N ASN A 160 1.58 -50.20 -33.65
CA ASN A 160 2.57 -49.13 -33.67
C ASN A 160 3.34 -49.06 -32.34
N LEU A 161 2.80 -49.70 -31.30
CA LEU A 161 3.39 -49.57 -29.98
C LEU A 161 4.60 -50.46 -29.71
N GLU A 162 4.76 -51.54 -30.48
CA GLU A 162 5.90 -52.43 -30.27
C GLU A 162 7.20 -51.63 -30.30
N ASP A 163 7.28 -50.77 -31.30
CA ASP A 163 8.48 -49.96 -31.52
C ASP A 163 8.71 -49.01 -30.36
N ASP A 164 7.64 -48.37 -29.90
CA ASP A 164 7.77 -47.39 -28.84
C ASP A 164 7.98 -48.05 -27.49
N ILE A 165 7.37 -49.21 -27.28
CA ILE A 165 7.58 -49.94 -26.05
C ILE A 165 9.02 -50.40 -25.96
N ILE A 166 9.51 -50.99 -27.04
CA ILE A 166 10.87 -51.50 -27.07
C ILE A 166 11.86 -50.38 -26.83
N LYS A 167 11.74 -49.30 -27.59
CA LYS A 167 12.66 -48.17 -27.49
C LYS A 167 12.71 -47.62 -26.07
N ALA A 168 11.56 -47.58 -25.40
CA ALA A 168 11.49 -47.15 -24.02
C ALA A 168 12.27 -48.13 -23.16
N VAL A 169 11.98 -49.43 -23.34
CA VAL A 169 12.65 -50.49 -22.59
C VAL A 169 14.15 -50.40 -22.80
N ASP A 170 14.56 -49.97 -23.99
CA ASP A 170 15.98 -49.81 -24.30
C ASP A 170 16.58 -48.72 -23.41
N ARG A 171 15.79 -47.71 -23.08
CA ARG A 171 16.26 -46.62 -22.22
C ARG A 171 16.37 -47.04 -20.76
N GLY A 172 15.87 -48.24 -20.45
CA GLY A 172 16.02 -48.80 -19.12
C GLY A 172 14.80 -48.68 -18.23
N VAL A 173 13.68 -48.27 -18.82
CA VAL A 173 12.46 -48.11 -18.05
C VAL A 173 11.78 -49.46 -17.85
N LYS A 174 11.47 -49.76 -16.59
CA LYS A 174 10.80 -51.00 -16.24
C LYS A 174 9.44 -51.05 -16.94
N THR A 175 9.26 -52.06 -17.78
CA THR A 175 8.02 -52.21 -18.52
C THR A 175 7.26 -53.47 -18.11
N LYS A 176 5.96 -53.31 -17.87
CA LYS A 176 5.07 -54.44 -17.61
C LYS A 176 3.95 -54.44 -18.66
N ILE A 177 3.89 -55.50 -19.45
CA ILE A 177 2.87 -55.61 -20.48
C ILE A 177 1.80 -56.61 -20.07
N LEU A 178 0.54 -56.20 -20.12
CA LEU A 178 -0.56 -57.11 -19.79
C LEU A 178 -1.61 -57.11 -20.89
N LEU A 179 -1.76 -58.25 -21.56
CA LEU A 179 -2.73 -58.37 -22.63
C LEU A 179 -3.84 -59.31 -22.22
N THR A 180 -4.95 -59.25 -22.93
CA THR A 180 -6.02 -60.22 -22.76
C THR A 180 -5.66 -61.46 -23.59
N LYS A 181 -5.85 -62.63 -23.01
CA LYS A 181 -5.40 -63.89 -23.61
C LYS A 181 -5.69 -63.99 -25.11
N ASN A 182 -6.82 -63.46 -25.55
CA ASN A 182 -7.18 -63.53 -26.96
C ASN A 182 -6.19 -62.77 -27.85
N LEU A 183 -5.42 -61.86 -27.26
CA LEU A 183 -4.50 -61.03 -28.04
C LEU A 183 -3.11 -61.65 -28.19
N LEU A 184 -2.87 -62.75 -27.48
CA LEU A 184 -1.54 -63.36 -27.45
C LEU A 184 -1.05 -63.79 -28.81
N PRO A 185 -1.88 -64.51 -29.58
CA PRO A 185 -1.42 -64.96 -30.89
C PRO A 185 -1.04 -63.85 -31.85
N ARG A 186 -1.41 -62.60 -31.53
CA ARG A 186 -1.09 -61.48 -32.40
C ARG A 186 0.37 -61.06 -32.30
N LEU A 187 1.07 -61.57 -31.27
CA LEU A 187 2.47 -61.19 -31.07
C LEU A 187 3.42 -62.39 -31.01
N LYS A 188 3.27 -63.33 -31.95
CA LYS A 188 4.11 -64.52 -31.92
C LYS A 188 5.51 -64.26 -32.46
N ALA A 189 5.63 -63.35 -33.42
CA ALA A 189 6.93 -62.99 -33.95
C ALA A 189 7.26 -61.54 -33.62
N SER A 190 6.66 -61.05 -32.55
CA SER A 190 6.89 -59.67 -32.11
C SER A 190 8.15 -59.56 -31.27
N LYS A 191 8.75 -58.36 -31.28
CA LYS A 191 9.97 -58.12 -30.53
C LYS A 191 9.67 -58.05 -29.04
N ILE A 192 8.40 -57.88 -28.69
CA ILE A 192 8.01 -57.85 -27.29
C ILE A 192 8.16 -59.24 -26.69
N ILE A 193 7.54 -60.23 -27.32
CA ILE A 193 7.64 -61.60 -26.83
C ILE A 193 9.13 -61.98 -26.83
N ASP A 194 9.88 -61.42 -27.78
CA ASP A 194 11.32 -61.64 -27.81
C ASP A 194 11.99 -61.08 -26.57
N TYR A 195 11.69 -59.81 -26.27
CA TYR A 195 12.25 -59.15 -25.10
C TYR A 195 11.76 -59.80 -23.80
N ALA A 196 10.51 -60.24 -23.79
CA ALA A 196 9.93 -60.84 -22.60
C ALA A 196 10.66 -62.12 -22.23
N LYS A 197 11.07 -62.86 -23.25
CA LYS A 197 11.73 -64.15 -23.07
C LYS A 197 13.17 -64.00 -22.62
N GLU A 198 13.70 -62.78 -22.71
CA GLU A 198 15.12 -62.57 -22.43
C GLU A 198 15.53 -62.44 -20.95
N GLY A 199 14.77 -61.76 -20.10
CA GLY A 199 13.61 -60.99 -20.46
C GLY A 199 13.82 -59.53 -20.12
N LYS A 200 13.81 -58.69 -21.14
CA LYS A 200 14.05 -57.27 -21.00
C LYS A 200 12.77 -56.56 -20.54
N LEU A 201 11.68 -57.32 -20.45
CA LEU A 201 10.40 -56.78 -19.99
C LEU A 201 9.45 -57.90 -19.55
N GLU A 202 8.61 -57.61 -18.58
CA GLU A 202 7.65 -58.60 -18.09
C GLU A 202 6.37 -58.59 -18.92
N LEU A 203 5.91 -59.77 -19.29
CA LEU A 203 4.69 -59.94 -20.07
C LEU A 203 3.74 -60.93 -19.38
N ARG A 204 2.48 -60.58 -19.27
CA ARG A 204 1.49 -61.47 -18.66
C ARG A 204 0.14 -61.39 -19.37
N ALA A 205 -0.64 -62.47 -19.26
CA ALA A 205 -1.93 -62.53 -19.93
C ALA A 205 -3.06 -62.85 -18.96
N LEU A 206 -4.21 -62.23 -19.21
CA LEU A 206 -5.38 -62.41 -18.38
C LEU A 206 -6.58 -62.62 -19.28
N ASP A 207 -7.54 -63.44 -18.83
CA ASP A 207 -8.73 -63.69 -19.64
C ASP A 207 -9.55 -62.42 -19.81
N LYS A 208 -9.63 -61.61 -18.76
CA LYS A 208 -10.43 -60.40 -18.85
C LYS A 208 -10.07 -59.37 -17.78
N PHE A 209 -10.12 -58.10 -18.17
CA PHE A 209 -10.11 -57.01 -17.19
C PHE A 209 -10.95 -55.85 -17.74
N ASP A 210 -11.75 -55.24 -16.86
CA ASP A 210 -12.74 -54.26 -17.30
C ASP A 210 -12.17 -52.86 -17.55
N LEU A 211 -11.02 -52.55 -16.95
CA LEU A 211 -10.45 -51.21 -17.08
C LEU A 211 -9.00 -51.22 -17.60
N PRO A 212 -8.82 -51.35 -18.93
CA PRO A 212 -7.50 -51.20 -19.54
C PRO A 212 -6.93 -49.81 -19.28
N MET A 213 -5.62 -49.70 -19.23
CA MET A 213 -4.98 -48.45 -18.87
C MET A 213 -3.52 -48.43 -19.30
N LEU A 214 -3.03 -47.25 -19.62
CA LEU A 214 -1.60 -47.04 -19.82
C LEU A 214 -1.07 -46.14 -18.71
N ILE A 215 -0.07 -46.63 -17.99
CA ILE A 215 0.55 -45.85 -16.93
C ILE A 215 2.01 -45.56 -17.25
N CYS A 216 2.38 -44.30 -17.18
CA CYS A 216 3.76 -43.86 -17.37
C CYS A 216 4.14 -42.85 -16.32
N ASP A 217 4.93 -43.27 -15.33
CA ASP A 217 5.52 -42.32 -14.38
C ASP A 217 4.54 -41.27 -13.89
N GLU A 218 3.49 -41.68 -13.18
CA GLU A 218 2.54 -40.71 -12.63
C GLU A 218 1.70 -40.04 -13.72
N GLU A 219 1.58 -40.72 -14.85
CA GLU A 219 0.69 -40.35 -15.92
C GLU A 219 -0.18 -41.57 -16.25
N VAL A 220 -1.49 -41.38 -16.35
CA VAL A 220 -2.38 -42.49 -16.70
C VAL A 220 -3.28 -42.14 -17.86
N PHE A 221 -3.42 -43.11 -18.78
CA PHE A 221 -4.22 -42.94 -19.98
C PHE A 221 -5.26 -44.07 -20.08
N PHE A 222 -6.54 -43.71 -19.99
CA PHE A 222 -7.64 -44.67 -20.02
C PHE A 222 -8.76 -44.21 -20.93
N ALA A 223 -9.72 -45.10 -21.17
CA ALA A 223 -10.84 -44.77 -22.06
C ALA A 223 -12.14 -44.74 -21.28
N LEU A 224 -13.09 -43.95 -21.77
CA LEU A 224 -14.44 -43.96 -21.24
C LEU A 224 -15.27 -44.89 -22.12
N GLU A 225 -15.57 -46.07 -21.60
CA GLU A 225 -16.23 -47.12 -22.36
C GLU A 225 -17.59 -46.68 -22.88
N ASP A 226 -17.71 -46.51 -24.19
CA ASP A 226 -18.99 -46.13 -24.77
C ASP A 226 -19.41 -47.02 -25.93
N LEU A 227 -20.48 -47.77 -25.71
CA LEU A 227 -21.06 -48.63 -26.73
C LEU A 227 -21.95 -47.81 -27.66
N ALA A 228 -21.53 -47.68 -28.91
CA ALA A 228 -20.27 -48.25 -29.36
C ALA A 228 -19.49 -47.23 -30.19
N ALA A 229 -19.00 -46.19 -29.52
CA ALA A 229 -18.23 -45.16 -30.20
C ALA A 229 -16.85 -45.70 -30.55
N ARG A 230 -16.46 -46.78 -29.88
CA ARG A 230 -15.19 -47.45 -30.14
C ARG A 230 -15.15 -47.98 -31.58
N TYR A 231 -16.33 -48.22 -32.12
CA TYR A 231 -16.52 -48.60 -33.52
C TYR A 231 -16.33 -47.47 -34.51
N PHE A 232 -16.52 -46.24 -34.05
CA PHE A 232 -16.66 -45.10 -34.97
C PHE A 232 -15.36 -44.60 -35.63
N ASN A 233 -14.28 -44.40 -34.88
CA ASN A 233 -14.23 -44.64 -33.44
C ASN A 233 -13.96 -43.36 -32.66
N TYR A 234 -15.05 -42.72 -32.26
CA TYR A 234 -15.02 -41.46 -31.55
C TYR A 234 -15.13 -41.69 -30.05
N GLU A 235 -14.42 -42.71 -29.56
CA GLU A 235 -14.49 -43.06 -28.14
C GLU A 235 -13.59 -42.15 -27.34
N THR A 236 -14.18 -41.52 -26.33
CA THR A 236 -13.48 -40.54 -25.50
C THR A 236 -12.44 -41.20 -24.62
N GLN A 237 -11.23 -40.64 -24.61
CA GLN A 237 -10.15 -41.14 -23.78
C GLN A 237 -9.51 -39.99 -22.99
N VAL A 238 -9.04 -40.31 -21.78
CA VAL A 238 -8.60 -39.28 -20.88
C VAL A 238 -7.19 -39.54 -20.35
N TRP A 239 -6.37 -38.49 -20.40
CA TRP A 239 -5.02 -38.49 -19.85
C TRP A 239 -4.98 -37.65 -18.58
N ILE A 240 -4.54 -38.23 -17.47
CA ILE A 240 -4.44 -37.49 -16.21
C ILE A 240 -3.05 -37.62 -15.58
N LYS A 241 -2.46 -36.49 -15.22
CA LYS A 241 -1.17 -36.50 -14.55
C LYS A 241 -1.31 -36.03 -13.09
N ASP A 242 -1.34 -37.00 -12.17
CA ASP A 242 -1.46 -36.72 -10.74
C ASP A 242 -1.12 -37.94 -9.88
N HIS A 243 -0.26 -37.76 -8.90
CA HIS A 243 0.21 -38.85 -8.05
C HIS A 243 -0.94 -39.66 -7.44
N ARG A 244 -1.95 -38.96 -6.92
CA ARG A 244 -3.08 -39.61 -6.26
C ARG A 244 -3.90 -40.49 -7.21
N VAL A 245 -4.35 -39.89 -8.31
CA VAL A 245 -5.15 -40.58 -9.30
C VAL A 245 -4.39 -41.75 -9.91
N VAL A 246 -3.16 -41.49 -10.36
CA VAL A 246 -2.35 -42.51 -11.01
C VAL A 246 -2.04 -43.67 -10.06
N ALA A 247 -1.86 -43.35 -8.77
CA ALA A 247 -1.64 -44.37 -7.77
C ALA A 247 -2.87 -45.24 -7.63
N LEU A 248 -4.05 -44.66 -7.85
CA LEU A 248 -5.31 -45.40 -7.76
C LEU A 248 -5.41 -46.46 -8.86
N PHE A 249 -5.05 -46.07 -10.08
CA PHE A 249 -5.05 -47.01 -11.21
C PHE A 249 -3.95 -48.04 -11.06
N LYS A 250 -2.80 -47.61 -10.56
CA LYS A 250 -1.67 -48.51 -10.37
C LYS A 250 -2.04 -49.64 -9.41
N GLU A 251 -2.87 -49.33 -8.43
CA GLU A 251 -3.37 -50.34 -7.51
C GLU A 251 -4.23 -51.36 -8.27
N LYS A 252 -5.04 -50.85 -9.19
CA LYS A 252 -5.91 -51.69 -10.01
C LYS A 252 -5.07 -52.61 -10.90
N PHE A 253 -4.07 -52.01 -11.55
CA PHE A 253 -3.17 -52.76 -12.40
C PHE A 253 -2.53 -53.92 -11.64
N ASN A 254 -1.99 -53.62 -10.46
CA ASN A 254 -1.37 -54.66 -9.63
C ASN A 254 -2.36 -55.75 -9.28
N GLU A 255 -3.64 -55.38 -9.20
CA GLU A 255 -4.67 -56.38 -8.95
C GLU A 255 -4.69 -57.34 -10.14
N TYR A 256 -4.78 -56.77 -11.33
CA TYR A 256 -4.72 -57.54 -12.58
C TYR A 256 -3.42 -58.33 -12.65
N TRP A 257 -2.31 -57.62 -12.51
CA TRP A 257 -0.97 -58.17 -12.71
C TRP A 257 -0.71 -59.40 -11.86
N GLU A 258 -1.25 -59.41 -10.65
CA GLU A 258 -1.06 -60.53 -9.74
C GLU A 258 -1.81 -61.76 -10.25
N LYS A 259 -2.42 -61.62 -11.42
CA LYS A 259 -3.05 -62.75 -12.10
C LYS A 259 -2.35 -62.96 -13.46
N ALA A 260 -1.27 -63.73 -13.44
CA ALA A 260 -0.43 -63.97 -14.61
C ALA A 260 -1.02 -65.11 -15.46
N GLU A 261 -0.34 -65.58 -16.50
CA GLU A 261 0.98 -65.13 -16.96
C GLU A 261 1.02 -65.12 -18.50
N LYS A 262 2.16 -64.75 -19.07
CA LYS A 262 2.30 -64.65 -20.53
C LYS A 262 2.31 -66.01 -21.20
N VAL A 263 2.90 -67.00 -20.53
CA VAL A 263 3.08 -68.34 -21.10
C VAL A 263 4.12 -68.28 -22.23
N SER B 1 -33.98 -10.14 -24.19
CA SER B 1 -32.99 -9.78 -25.20
C SER B 1 -31.60 -10.22 -24.79
N LYS B 2 -30.78 -10.59 -25.76
CA LYS B 2 -29.41 -10.98 -25.45
C LYS B 2 -28.61 -9.75 -25.07
N ASP B 3 -28.95 -8.62 -25.68
CA ASP B 3 -28.35 -7.35 -25.34
C ASP B 3 -28.56 -7.06 -23.86
N ARG B 4 -29.78 -7.32 -23.38
CA ARG B 4 -30.15 -7.11 -21.98
C ARG B 4 -29.42 -8.11 -21.07
N MET B 5 -29.31 -9.36 -21.53
CA MET B 5 -28.59 -10.36 -20.75
C MET B 5 -27.13 -9.95 -20.61
N VAL B 6 -26.54 -9.48 -21.70
CA VAL B 6 -25.16 -9.04 -21.70
C VAL B 6 -24.96 -7.86 -20.76
N GLU B 7 -25.88 -6.91 -20.83
CA GLU B 7 -25.83 -5.73 -19.98
C GLU B 7 -25.82 -6.10 -18.49
N LEU B 8 -26.68 -7.03 -18.10
CA LEU B 8 -26.81 -7.40 -16.69
C LEU B 8 -25.56 -8.10 -16.16
N LEU B 9 -24.98 -8.98 -16.97
CA LEU B 9 -23.78 -9.73 -16.59
C LEU B 9 -22.59 -8.80 -16.35
N GLN B 10 -22.51 -7.76 -17.16
CA GLN B 10 -21.48 -6.75 -17.04
C GLN B 10 -21.68 -5.91 -15.79
N GLU B 11 -22.93 -5.49 -15.58
CA GLU B 11 -23.25 -4.50 -14.55
C GLU B 11 -23.19 -5.05 -13.14
N HIS B 12 -23.41 -6.36 -12.98
CA HIS B 12 -23.55 -6.91 -11.64
C HIS B 12 -22.69 -8.12 -11.34
N PHE B 13 -22.05 -8.67 -12.35
CA PHE B 13 -21.31 -9.91 -12.14
C PHE B 13 -19.89 -9.88 -12.70
N GLU B 14 -19.36 -8.67 -12.89
CA GLU B 14 -17.93 -8.49 -13.16
C GLU B 14 -17.44 -9.27 -14.36
N LEU B 15 -18.21 -9.24 -15.45
CA LEU B 15 -17.78 -9.83 -16.70
C LEU B 15 -17.67 -8.73 -17.73
N ASN B 16 -16.59 -8.71 -18.51
CA ASN B 16 -16.45 -7.70 -19.55
C ASN B 16 -17.41 -8.02 -20.68
N LEU B 17 -17.44 -7.16 -21.68
CA LEU B 17 -18.33 -7.31 -22.81
C LEU B 17 -18.15 -8.67 -23.50
N TYR B 18 -16.90 -9.01 -23.81
CA TYR B 18 -16.60 -10.24 -24.52
C TYR B 18 -16.93 -11.47 -23.68
N GLU B 19 -16.50 -11.48 -22.44
CA GLU B 19 -16.81 -12.58 -21.52
C GLU B 19 -18.31 -12.74 -21.38
N ALA B 20 -19.02 -11.62 -21.32
CA ALA B 20 -20.47 -11.63 -21.14
C ALA B 20 -21.17 -12.22 -22.36
N ARG B 21 -20.77 -11.75 -23.54
CA ARG B 21 -21.31 -12.29 -24.79
C ARG B 21 -21.03 -13.79 -24.89
N ALA B 22 -19.83 -14.18 -24.46
CA ALA B 22 -19.44 -15.57 -24.50
C ALA B 22 -20.38 -16.41 -23.65
N TYR B 23 -20.58 -16.01 -22.40
CA TYR B 23 -21.40 -16.80 -21.50
C TYR B 23 -22.84 -16.90 -21.95
N VAL B 24 -23.35 -15.86 -22.60
CA VAL B 24 -24.69 -15.92 -23.14
C VAL B 24 -24.72 -16.96 -24.25
N ALA B 25 -23.71 -16.92 -25.12
CA ALA B 25 -23.61 -17.86 -26.23
C ALA B 25 -23.55 -19.30 -25.71
N LEU B 26 -22.75 -19.54 -24.68
CA LEU B 26 -22.62 -20.86 -24.11
C LEU B 26 -23.97 -21.33 -23.59
N VAL B 27 -24.71 -20.44 -22.95
CA VAL B 27 -26.04 -20.79 -22.45
C VAL B 27 -27.02 -21.04 -23.59
N ALA B 28 -26.94 -20.22 -24.64
CA ALA B 28 -27.84 -20.38 -25.78
C ALA B 28 -27.55 -21.66 -26.58
N PHE B 29 -26.27 -21.94 -26.81
CA PHE B 29 -25.90 -23.03 -27.72
C PHE B 29 -25.32 -24.24 -27.00
N GLY B 30 -25.30 -24.21 -25.67
CA GLY B 30 -24.79 -25.33 -24.90
C GLY B 30 -23.28 -25.50 -24.97
N VAL B 31 -22.82 -26.44 -25.79
CA VAL B 31 -21.41 -26.74 -25.93
C VAL B 31 -20.82 -26.02 -27.15
N LEU B 32 -19.72 -25.30 -26.94
CA LEU B 32 -19.07 -24.57 -28.03
C LEU B 32 -17.55 -24.73 -28.00
N THR B 33 -16.91 -24.61 -29.16
CA THR B 33 -15.46 -24.47 -29.21
C THR B 33 -15.18 -23.02 -29.54
N PRO B 34 -13.94 -22.56 -29.31
CA PRO B 34 -13.58 -21.17 -29.61
C PRO B 34 -13.99 -20.81 -31.03
N ALA B 35 -13.78 -21.74 -31.96
CA ALA B 35 -14.16 -21.52 -33.34
C ALA B 35 -15.68 -21.36 -33.45
N GLU B 36 -16.41 -22.26 -32.82
CA GLU B 36 -17.87 -22.23 -32.87
C GLU B 36 -18.39 -20.94 -32.24
N LEU B 37 -17.86 -20.60 -31.07
CA LEU B 37 -18.27 -19.40 -30.38
C LEU B 37 -18.24 -18.18 -31.29
N ALA B 38 -17.15 -18.06 -32.06
CA ALA B 38 -16.99 -16.92 -32.94
C ALA B 38 -18.10 -16.82 -33.97
N SER B 39 -18.52 -17.97 -34.48
CA SER B 39 -19.53 -18.00 -35.55
C SER B 39 -20.92 -17.62 -35.05
N VAL B 40 -21.17 -17.85 -33.77
CA VAL B 40 -22.50 -17.64 -33.19
C VAL B 40 -22.53 -16.47 -32.20
N SER B 41 -21.49 -15.63 -32.22
CA SER B 41 -21.44 -14.47 -31.32
C SER B 41 -20.66 -13.34 -31.95
N GLU B 42 -20.69 -12.20 -31.27
CA GLU B 42 -19.93 -11.03 -31.70
C GLU B 42 -18.61 -10.97 -30.94
N VAL B 43 -18.19 -12.11 -30.40
CA VAL B 43 -16.87 -12.21 -29.82
C VAL B 43 -15.86 -12.45 -30.95
N PRO B 44 -14.93 -11.51 -31.13
CA PRO B 44 -13.88 -11.66 -32.15
C PRO B 44 -13.18 -13.02 -32.08
N ALA B 45 -13.02 -13.67 -33.23
CA ALA B 45 -12.38 -14.98 -33.30
C ALA B 45 -11.06 -15.02 -32.53
N PRO B 46 -10.16 -14.06 -32.78
CA PRO B 46 -8.87 -14.02 -32.07
C PRO B 46 -9.02 -14.00 -30.55
N ARG B 47 -10.14 -13.48 -30.05
CA ARG B 47 -10.31 -13.30 -28.61
C ARG B 47 -11.05 -14.47 -27.96
N THR B 48 -11.74 -15.28 -28.77
CA THR B 48 -12.56 -16.39 -28.24
C THR B 48 -11.79 -17.29 -27.27
N TYR B 49 -10.57 -17.65 -27.66
CA TYR B 49 -9.72 -18.55 -26.87
C TYR B 49 -9.49 -18.06 -25.43
N ASP B 50 -8.95 -16.85 -25.29
CA ASP B 50 -8.67 -16.34 -23.95
C ASP B 50 -9.95 -15.95 -23.23
N VAL B 51 -10.92 -15.45 -23.98
CA VAL B 51 -12.18 -15.03 -23.36
C VAL B 51 -12.89 -16.22 -22.73
N LEU B 52 -12.93 -17.33 -23.47
CA LEU B 52 -13.52 -18.56 -22.96
C LEU B 52 -12.69 -19.11 -21.81
N ARG B 53 -11.37 -19.08 -21.97
CA ARG B 53 -10.47 -19.51 -20.92
C ARG B 53 -10.66 -18.60 -19.70
N SER B 54 -11.12 -17.37 -19.95
CA SER B 54 -11.39 -16.45 -18.86
C SER B 54 -12.65 -16.89 -18.10
N LEU B 55 -13.72 -17.20 -18.83
CA LEU B 55 -14.95 -17.70 -18.20
C LEU B 55 -14.66 -18.97 -17.40
N GLU B 56 -13.65 -19.72 -17.85
CA GLU B 56 -13.27 -20.95 -17.18
C GLU B 56 -12.89 -20.69 -15.72
N LYS B 57 -11.92 -19.80 -15.49
CA LYS B 57 -11.43 -19.53 -14.14
C LYS B 57 -12.47 -18.82 -13.25
N LYS B 58 -13.28 -17.98 -13.88
CA LYS B 58 -14.30 -17.20 -13.18
C LYS B 58 -15.48 -18.05 -12.70
N GLY B 59 -15.58 -19.26 -13.23
CA GLY B 59 -16.59 -20.22 -12.82
C GLY B 59 -17.87 -20.21 -13.64
N PHE B 60 -17.81 -19.61 -14.83
CA PHE B 60 -18.98 -19.51 -15.69
C PHE B 60 -18.98 -20.61 -16.73
N ALA B 61 -17.90 -21.40 -16.74
CA ALA B 61 -17.74 -22.41 -17.76
C ALA B 61 -16.91 -23.60 -17.27
N MET B 62 -17.29 -24.78 -17.75
CA MET B 62 -16.50 -25.99 -17.59
C MET B 62 -15.87 -26.31 -18.94
N THR B 63 -14.81 -27.12 -18.95
CA THR B 63 -14.08 -27.31 -20.19
C THR B 63 -13.56 -28.73 -20.41
N GLN B 64 -13.37 -29.07 -21.68
CA GLN B 64 -12.66 -30.29 -22.05
C GLN B 64 -11.35 -29.94 -22.76
N PRO B 65 -10.22 -30.09 -22.04
CA PRO B 65 -8.88 -29.85 -22.57
C PRO B 65 -8.47 -30.82 -23.66
N GLY B 66 -8.30 -30.33 -24.88
CA GLY B 66 -7.88 -31.17 -25.99
C GLY B 66 -7.26 -30.38 -27.13
N LYS B 67 -7.01 -31.04 -28.25
CA LYS B 67 -6.45 -30.36 -29.41
C LYS B 67 -7.33 -29.18 -29.78
N THR B 68 -8.64 -29.34 -29.59
CA THR B 68 -9.59 -28.24 -29.72
C THR B 68 -10.54 -28.23 -28.53
N ASN B 69 -10.30 -27.32 -27.59
CA ASN B 69 -11.08 -27.26 -26.37
C ASN B 69 -12.55 -26.93 -26.65
N LYS B 70 -13.44 -27.67 -26.01
CA LYS B 70 -14.86 -27.34 -26.06
C LYS B 70 -15.32 -26.95 -24.65
N TYR B 71 -16.27 -26.03 -24.58
CA TYR B 71 -16.70 -25.47 -23.31
C TYR B 71 -18.20 -25.60 -23.08
N ARG B 72 -18.60 -25.89 -21.84
CA ARG B 72 -20.00 -25.85 -21.46
C ARG B 72 -20.23 -24.79 -20.39
N PRO B 73 -21.37 -24.08 -20.47
CA PRO B 73 -21.69 -23.09 -19.46
C PRO B 73 -22.05 -23.76 -18.15
N VAL B 74 -21.62 -23.17 -17.04
CA VAL B 74 -22.14 -23.54 -15.74
C VAL B 74 -23.57 -23.01 -15.70
N HIS B 75 -24.44 -23.65 -14.92
CA HIS B 75 -25.82 -23.20 -14.86
C HIS B 75 -25.93 -21.86 -14.13
N PRO B 76 -26.49 -20.85 -14.81
CA PRO B 76 -26.60 -19.47 -14.30
C PRO B 76 -27.13 -19.40 -12.87
N ALA B 77 -28.04 -20.30 -12.51
CA ALA B 77 -28.60 -20.33 -11.16
C ALA B 77 -27.52 -20.72 -10.14
N ASN B 78 -26.53 -21.49 -10.59
CA ASN B 78 -25.45 -21.92 -9.72
C ASN B 78 -24.35 -20.86 -9.61
N VAL B 79 -23.92 -20.34 -10.75
CA VAL B 79 -22.82 -19.39 -10.79
C VAL B 79 -23.23 -18.00 -10.26
N LEU B 80 -24.33 -17.45 -10.78
CA LEU B 80 -24.77 -16.11 -10.38
C LEU B 80 -25.01 -16.04 -8.88
N GLU B 81 -25.62 -17.07 -8.32
CA GLU B 81 -25.86 -17.09 -6.89
C GLU B 81 -24.55 -17.26 -6.15
N LYS B 82 -23.68 -18.12 -6.69
CA LYS B 82 -22.33 -18.32 -6.14
C LYS B 82 -21.59 -16.99 -6.07
N PHE B 83 -21.64 -16.24 -7.17
CA PHE B 83 -21.02 -14.92 -7.24
C PHE B 83 -21.50 -14.03 -6.11
N ILE B 84 -22.82 -13.95 -5.97
CA ILE B 84 -23.44 -13.09 -4.97
C ILE B 84 -23.01 -13.49 -3.56
N GLN B 85 -23.04 -14.79 -3.28
CA GLN B 85 -22.67 -15.28 -1.96
C GLN B 85 -21.20 -14.97 -1.66
N ASP B 86 -20.33 -15.17 -2.65
CA ASP B 86 -18.92 -14.82 -2.51
C ASP B 86 -18.73 -13.33 -2.28
N TRP B 87 -19.39 -12.53 -3.12
CA TRP B 87 -19.37 -11.07 -3.01
C TRP B 87 -19.72 -10.63 -1.59
N GLN B 88 -20.81 -11.18 -1.06
CA GLN B 88 -21.25 -10.87 0.30
C GLN B 88 -20.14 -11.17 1.30
N GLU B 89 -19.33 -12.16 0.99
CA GLU B 89 -18.25 -12.55 1.87
C GLU B 89 -17.09 -11.55 1.78
N ARG B 90 -16.91 -10.96 0.60
CA ARG B 90 -15.92 -9.92 0.42
C ARG B 90 -16.34 -8.68 1.17
N VAL B 91 -17.61 -8.32 0.98
CA VAL B 91 -18.22 -7.20 1.69
C VAL B 91 -18.04 -7.40 3.19
N LYS B 92 -18.36 -8.60 3.67
CA LYS B 92 -18.25 -8.90 5.09
C LYS B 92 -16.82 -8.69 5.58
N GLU B 93 -15.84 -8.85 4.69
CA GLU B 93 -14.45 -8.63 5.06
C GLU B 93 -14.07 -7.16 4.98
N GLU B 94 -14.41 -6.53 3.86
CA GLU B 94 -14.12 -5.12 3.64
C GLU B 94 -14.73 -4.29 4.77
N LEU B 95 -15.82 -4.78 5.33
CA LEU B 95 -16.47 -4.11 6.43
C LEU B 95 -15.64 -4.19 7.70
N GLU B 96 -15.24 -5.40 8.08
CA GLU B 96 -14.46 -5.57 9.30
C GLU B 96 -13.15 -4.77 9.24
N ALA B 97 -12.56 -4.69 8.06
CA ALA B 97 -11.35 -3.91 7.89
C ALA B 97 -11.62 -2.45 8.24
N LYS B 98 -12.68 -1.91 7.63
CA LYS B 98 -13.06 -0.52 7.85
C LYS B 98 -13.21 -0.22 9.35
N LYS B 99 -13.77 -1.15 10.10
CA LYS B 99 -13.95 -0.95 11.54
C LYS B 99 -12.61 -0.87 12.27
N LYS B 100 -11.72 -1.82 11.96
CA LYS B 100 -10.40 -1.82 12.57
C LYS B 100 -9.61 -0.60 12.11
N ALA B 101 -9.82 -0.20 10.86
CA ALA B 101 -9.19 0.99 10.34
C ALA B 101 -9.66 2.21 11.12
N LYS B 102 -10.98 2.29 11.35
CA LYS B 102 -11.55 3.39 12.11
C LYS B 102 -10.98 3.43 13.52
N GLU B 103 -11.04 2.29 14.21
CA GLU B 103 -10.53 2.19 15.57
C GLU B 103 -9.10 2.72 15.66
N GLU B 104 -8.27 2.33 14.70
CA GLU B 104 -6.86 2.73 14.68
C GLU B 104 -6.69 4.22 14.41
N LEU B 105 -7.38 4.72 13.39
CA LEU B 105 -7.32 6.14 13.04
C LEU B 105 -7.64 7.02 14.23
N LEU B 106 -8.65 6.63 14.99
CA LEU B 106 -9.05 7.39 16.17
C LEU B 106 -7.96 7.37 17.23
N GLU B 107 -7.20 6.28 17.26
CA GLU B 107 -6.10 6.14 18.20
C GLU B 107 -4.91 6.99 17.75
N LEU B 108 -4.73 7.08 16.44
CA LEU B 108 -3.64 7.88 15.87
C LEU B 108 -3.92 9.38 15.99
N MET B 109 -5.16 9.78 15.74
CA MET B 109 -5.54 11.18 15.77
C MET B 109 -5.85 11.67 17.18
N ALA B 110 -5.80 10.75 18.14
CA ALA B 110 -6.14 11.07 19.52
C ALA B 110 -5.35 12.27 20.01
N PRO B 111 -4.01 12.22 19.91
CA PRO B 111 -3.19 13.35 20.37
C PRO B 111 -3.43 14.64 19.59
N LEU B 112 -3.89 14.54 18.35
CA LEU B 112 -4.02 15.69 17.48
C LEU B 112 -5.37 16.38 17.56
N ILE B 113 -6.39 15.68 18.06
CA ILE B 113 -7.73 16.26 18.09
C ILE B 113 -7.65 17.58 18.84
N GLU B 114 -7.83 18.67 18.09
CA GLU B 114 -7.64 20.01 18.62
C GLU B 114 -8.95 20.78 18.74
N THR B 115 -9.25 21.22 19.96
CA THR B 115 -10.46 21.99 20.24
C THR B 115 -10.23 23.48 20.04
N GLU B 116 -8.99 23.92 20.30
CA GLU B 116 -8.63 25.33 20.19
C GLU B 116 -8.82 25.83 18.76
N VAL B 117 -9.20 27.09 18.62
CA VAL B 117 -9.48 27.66 17.30
C VAL B 117 -8.50 28.79 16.98
N PRO B 118 -7.67 28.59 15.94
CA PRO B 118 -6.71 29.60 15.49
C PRO B 118 -7.39 30.84 14.93
N LYS B 119 -6.96 32.02 15.37
CA LYS B 119 -7.54 33.26 14.90
C LYS B 119 -6.70 33.99 13.85
N TYR B 120 -5.54 33.43 13.52
CA TYR B 120 -4.67 34.07 12.53
C TYR B 120 -4.33 33.26 11.26
N GLY B 121 -4.10 31.95 11.37
CA GLY B 121 -4.12 31.21 12.62
C GLY B 121 -2.93 30.26 12.74
N VAL B 122 -2.35 29.89 11.61
CA VAL B 122 -1.18 29.01 11.63
C VAL B 122 0.05 29.85 11.99
N GLU B 123 -0.10 31.16 11.89
CA GLU B 123 0.99 32.09 12.18
C GLU B 123 1.13 32.32 13.69
N ARG B 124 2.33 32.10 14.20
CA ARG B 124 2.61 32.40 15.60
C ARG B 124 3.69 33.47 15.70
N VAL B 125 4.04 34.07 14.57
CA VAL B 125 5.01 35.15 14.53
C VAL B 125 4.58 36.18 13.50
N TRP B 126 4.55 37.45 13.91
CA TRP B 126 4.11 38.53 13.06
C TRP B 126 5.05 39.74 13.20
N VAL B 127 5.51 40.27 12.07
CA VAL B 127 6.45 41.39 12.07
C VAL B 127 5.77 42.68 11.59
N VAL B 128 5.81 43.69 12.46
CA VAL B 128 5.13 44.96 12.23
C VAL B 128 6.14 46.09 12.22
N ARG B 129 5.90 47.13 11.42
CA ARG B 129 6.82 48.26 11.42
C ARG B 129 6.13 49.62 11.59
N GLY B 130 5.10 49.88 10.80
CA GLY B 130 4.41 51.16 10.90
C GLY B 130 3.88 51.49 12.29
N ILE B 131 3.26 52.65 12.42
CA ILE B 131 2.67 53.07 13.69
C ILE B 131 1.21 52.65 13.66
N LYS B 132 0.64 52.66 12.46
CA LYS B 132 -0.73 52.21 12.24
C LYS B 132 -0.86 50.74 12.60
N ASN B 133 0.04 49.92 12.06
CA ASN B 133 -0.04 48.47 12.25
C ASN B 133 0.34 48.07 13.68
N SER B 134 1.23 48.83 14.32
CA SER B 134 1.63 48.52 15.68
C SER B 134 0.45 48.72 16.62
N THR B 135 -0.41 49.68 16.29
CA THR B 135 -1.61 49.97 17.08
C THR B 135 -2.72 48.96 16.80
N LEU B 136 -2.89 48.61 15.53
CA LEU B 136 -3.89 47.62 15.16
C LEU B 136 -3.59 46.27 15.79
N LYS B 137 -2.32 45.97 15.99
CA LYS B 137 -1.94 44.68 16.55
C LYS B 137 -2.11 44.65 18.06
N THR B 138 -1.79 45.76 18.72
CA THR B 138 -2.00 45.88 20.14
C THR B 138 -3.51 45.84 20.44
N LYS B 139 -4.28 46.46 19.57
CA LYS B 139 -5.74 46.46 19.71
C LYS B 139 -6.26 45.04 19.73
N GLU B 140 -5.81 44.23 18.76
CA GLU B 140 -6.22 42.82 18.68
C GLU B 140 -5.80 42.04 19.91
N MET B 141 -4.60 42.32 20.40
CA MET B 141 -4.07 41.61 21.56
C MET B 141 -4.92 41.90 22.80
N LEU B 142 -5.32 43.15 22.95
CA LEU B 142 -6.13 43.57 24.10
C LEU B 142 -7.56 43.07 23.98
N GLU B 143 -8.05 42.97 22.74
CA GLU B 143 -9.41 42.50 22.49
C GLU B 143 -9.55 41.00 22.75
N GLU B 144 -8.53 40.24 22.34
CA GLU B 144 -8.54 38.79 22.52
C GLU B 144 -8.08 38.39 23.90
N ALA B 145 -7.74 39.38 24.72
CA ALA B 145 -7.24 39.10 26.07
C ALA B 145 -8.33 38.50 26.95
N GLN B 146 -7.98 37.41 27.64
CA GLN B 146 -8.98 36.73 28.45
C GLN B 146 -8.46 36.44 29.86
N ASN B 147 -7.16 36.49 30.04
CA ASN B 147 -6.59 36.16 31.35
C ASN B 147 -5.88 37.35 31.97
N GLU B 148 -4.74 37.72 31.41
CA GLU B 148 -3.97 38.82 31.99
C GLU B 148 -3.35 39.73 30.94
N ILE B 149 -3.21 41.00 31.30
CA ILE B 149 -2.51 41.96 30.47
C ILE B 149 -1.36 42.55 31.26
N LEU B 150 -0.14 42.35 30.75
CA LEU B 150 1.06 42.90 31.36
C LEU B 150 1.68 43.89 30.40
N LEU B 151 1.68 45.17 30.76
CA LEU B 151 2.15 46.21 29.87
C LEU B 151 3.29 47.01 30.47
N ALA B 152 4.50 46.78 29.95
CA ALA B 152 5.65 47.62 30.29
C ALA B 152 5.93 48.58 29.14
N ASP B 153 5.59 49.85 29.33
CA ASP B 153 5.64 50.82 28.23
C ASP B 153 6.60 51.99 28.41
N ASP B 154 7.37 52.27 27.36
CA ASP B 154 8.28 53.42 27.34
C ASP B 154 7.64 54.72 26.87
N GLY B 155 6.44 54.65 26.28
CA GLY B 155 5.81 55.88 25.82
C GLY B 155 4.35 55.88 25.38
N PHE B 156 4.07 56.28 24.16
CA PHE B 156 2.70 56.42 23.66
C PHE B 156 1.84 55.15 23.68
N ILE B 157 2.47 53.98 23.76
CA ILE B 157 1.71 52.72 23.72
C ILE B 157 0.58 52.68 24.76
N ALA B 158 0.88 53.07 26.00
CA ALA B 158 -0.10 53.00 27.10
C ALA B 158 -1.13 54.13 27.09
N VAL B 159 -0.73 55.30 26.59
CA VAL B 159 -1.62 56.46 26.53
C VAL B 159 -2.67 56.36 25.43
N ASN B 160 -2.33 55.71 24.32
CA ASN B 160 -3.23 55.65 23.18
C ASN B 160 -4.18 54.46 23.29
N LEU B 161 -3.76 53.48 24.08
CA LEU B 161 -4.49 52.23 24.29
C LEU B 161 -5.54 52.37 25.39
N GLU B 162 -5.51 53.47 26.11
CA GLU B 162 -6.37 53.68 27.28
C GLU B 162 -7.81 53.24 27.03
N ASP B 163 -8.34 53.57 25.86
CA ASP B 163 -9.69 53.18 25.54
C ASP B 163 -9.80 51.66 25.51
N ASP B 164 -8.80 51.03 24.89
CA ASP B 164 -8.80 49.58 24.72
C ASP B 164 -8.43 48.85 26.02
N ILE B 165 -7.58 49.48 26.81
CA ILE B 165 -7.18 48.91 28.08
C ILE B 165 -8.39 48.84 29.01
N ILE B 166 -9.14 49.92 29.07
CA ILE B 166 -10.30 49.97 29.95
C ILE B 166 -11.29 48.87 29.58
N LYS B 167 -11.64 48.77 28.30
CA LYS B 167 -12.62 47.78 27.86
C LYS B 167 -12.20 46.38 28.27
N ALA B 168 -10.91 46.09 28.17
CA ALA B 168 -10.40 44.78 28.56
C ALA B 168 -10.61 44.52 30.05
N VAL B 169 -10.19 45.48 30.87
CA VAL B 169 -10.32 45.34 32.32
C VAL B 169 -11.77 45.10 32.70
N ASP B 170 -12.68 45.71 31.95
CA ASP B 170 -14.11 45.57 32.22
C ASP B 170 -14.57 44.13 32.03
N ARG B 171 -13.96 43.43 31.09
CA ARG B 171 -14.31 42.04 30.81
C ARG B 171 -13.77 41.11 31.90
N GLY B 172 -12.93 41.65 32.78
CA GLY B 172 -12.43 40.90 33.92
C GLY B 172 -11.01 40.39 33.79
N VAL B 173 -10.29 40.88 32.78
CA VAL B 173 -8.90 40.45 32.58
C VAL B 173 -7.98 41.22 33.52
N LYS B 174 -7.14 40.50 34.25
CA LYS B 174 -6.17 41.13 35.14
C LYS B 174 -5.21 42.04 34.38
N THR B 175 -5.21 43.33 34.72
CA THR B 175 -4.33 44.27 34.06
C THR B 175 -3.29 44.82 35.02
N LYS B 176 -2.04 44.81 34.56
CA LYS B 176 -0.91 45.41 35.25
C LYS B 176 -0.26 46.45 34.33
N ILE B 177 -0.27 47.71 34.74
CA ILE B 177 0.34 48.77 33.93
C ILE B 177 1.66 49.24 34.56
N LEU B 178 2.71 49.23 33.74
CA LEU B 178 4.02 49.68 34.19
C LEU B 178 4.57 50.75 33.25
N LEU B 179 4.75 51.95 33.78
CA LEU B 179 5.26 53.07 33.00
C LEU B 179 6.62 53.55 33.48
N THR B 180 7.29 54.31 32.63
CA THR B 180 8.48 55.04 33.05
C THR B 180 8.05 56.35 33.70
N LYS B 181 8.66 56.69 34.82
CA LYS B 181 8.27 57.86 35.62
C LYS B 181 8.05 59.13 34.81
N ASN B 182 8.85 59.33 33.77
CA ASN B 182 8.72 60.51 32.92
C ASN B 182 7.39 60.57 32.17
N LEU B 183 6.73 59.42 32.04
CA LEU B 183 5.49 59.35 31.27
C LEU B 183 4.23 59.60 32.10
N LEU B 184 4.40 59.74 33.41
CA LEU B 184 3.28 59.90 34.33
C LEU B 184 2.41 61.12 34.06
N PRO B 185 3.03 62.29 33.85
CA PRO B 185 2.20 63.48 33.58
C PRO B 185 1.31 63.33 32.34
N ARG B 186 1.57 62.30 31.53
CA ARG B 186 0.78 62.04 30.34
C ARG B 186 -0.57 61.43 30.71
N LEU B 187 -0.75 61.09 31.98
CA LEU B 187 -1.96 60.42 32.43
C LEU B 187 -2.72 61.26 33.45
N LYS B 188 -2.91 62.53 33.11
CA LYS B 188 -3.57 63.47 33.99
C LYS B 188 -5.08 63.24 33.95
N ALA B 189 -5.64 62.74 35.05
CA ALA B 189 -7.07 62.52 35.16
C ALA B 189 -7.57 61.53 34.10
N SER B 190 -6.68 60.62 33.69
CA SER B 190 -7.02 59.61 32.69
C SER B 190 -7.79 58.48 33.35
N LYS B 191 -8.57 57.74 32.58
CA LYS B 191 -9.41 56.69 33.15
C LYS B 191 -8.57 55.54 33.67
N ILE B 192 -7.30 55.49 33.26
CA ILE B 192 -6.41 54.47 33.76
C ILE B 192 -6.07 54.76 35.22
N ILE B 193 -5.56 55.97 35.48
CA ILE B 193 -5.21 56.41 36.83
C ILE B 193 -6.45 56.39 37.70
N ASP B 194 -7.61 56.62 37.09
CA ASP B 194 -8.90 56.52 37.78
C ASP B 194 -9.16 55.08 38.22
N TYR B 195 -9.00 54.14 37.28
CA TYR B 195 -9.18 52.72 37.55
C TYR B 195 -8.14 52.21 38.53
N ALA B 196 -6.94 52.76 38.45
CA ALA B 196 -5.86 52.34 39.32
C ALA B 196 -6.18 52.69 40.77
N LYS B 197 -6.78 53.86 40.98
CA LYS B 197 -7.08 54.31 42.33
C LYS B 197 -8.29 53.56 42.88
N GLU B 198 -9.07 52.96 41.99
CA GLU B 198 -10.27 52.23 42.37
C GLU B 198 -9.88 50.82 42.80
N GLY B 199 -8.90 50.26 42.11
CA GLY B 199 -8.43 48.92 42.38
C GLY B 199 -8.75 47.98 41.23
N LYS B 200 -9.27 48.56 40.14
CA LYS B 200 -9.70 47.75 38.99
C LYS B 200 -8.52 47.37 38.10
N LEU B 201 -7.35 47.94 38.40
CA LEU B 201 -6.12 47.59 37.69
C LEU B 201 -4.92 48.07 38.49
N GLU B 202 -3.83 47.33 38.40
CA GLU B 202 -2.59 47.70 39.07
C GLU B 202 -1.77 48.62 38.18
N LEU B 203 -1.27 49.70 38.75
CA LEU B 203 -0.43 50.67 38.06
C LEU B 203 0.85 50.91 38.85
N ARG B 204 1.99 50.87 38.17
CA ARG B 204 3.29 51.11 38.81
C ARG B 204 4.23 51.87 37.90
N ALA B 205 5.20 52.54 38.53
CA ALA B 205 6.17 53.36 37.80
C ALA B 205 7.60 52.96 38.13
N LEU B 206 8.45 53.02 37.12
CA LEU B 206 9.87 52.71 37.22
C LEU B 206 10.62 53.80 36.45
N ASP B 207 11.80 54.19 36.93
CA ASP B 207 12.54 55.25 36.22
C ASP B 207 12.97 54.79 34.82
N LYS B 208 13.35 53.52 34.70
CA LYS B 208 13.79 52.97 33.42
C LYS B 208 13.74 51.44 33.36
N PHE B 209 13.41 50.93 32.17
CA PHE B 209 13.60 49.50 31.85
C PHE B 209 13.95 49.33 30.37
N ASP B 210 14.88 48.42 30.08
CA ASP B 210 15.44 48.32 28.73
C ASP B 210 14.58 47.54 27.75
N LEU B 211 13.72 46.67 28.26
CA LEU B 211 12.90 45.84 27.39
C LEU B 211 11.40 45.98 27.69
N PRO B 212 10.80 47.08 27.22
CA PRO B 212 9.35 47.24 27.28
C PRO B 212 8.67 46.16 26.45
N MET B 213 7.45 45.80 26.83
CA MET B 213 6.74 44.68 26.22
C MET B 213 5.24 44.75 26.49
N LEU B 214 4.46 44.20 25.57
CA LEU B 214 3.04 43.98 25.82
C LEU B 214 2.79 42.48 25.89
N ILE B 215 2.20 42.02 26.99
CA ILE B 215 1.88 40.60 27.12
C ILE B 215 0.37 40.39 27.24
N CYS B 216 -0.16 39.50 26.41
CA CYS B 216 -1.57 39.12 26.47
C CYS B 216 -1.71 37.62 26.35
N ASP B 217 -2.02 36.94 27.45
CA ASP B 217 -2.39 35.53 27.39
C ASP B 217 -1.52 34.69 26.44
N GLU B 218 -0.22 34.57 26.73
CA GLU B 218 0.67 33.77 25.88
C GLU B 218 0.90 34.42 24.53
N GLU B 219 0.75 35.73 24.51
CA GLU B 219 1.10 36.55 23.36
C GLU B 219 2.03 37.65 23.82
N VAL B 220 3.14 37.86 23.14
CA VAL B 220 4.06 38.93 23.52
C VAL B 220 4.37 39.81 22.32
N PHE B 221 4.33 41.10 22.55
CA PHE B 221 4.59 42.07 21.49
C PHE B 221 5.69 43.02 21.97
N PHE B 222 6.85 42.95 21.33
CA PHE B 222 8.01 43.74 21.72
C PHE B 222 8.67 44.40 20.51
N ALA B 223 9.62 45.28 20.75
CA ALA B 223 10.28 45.99 19.66
C ALA B 223 11.75 45.60 19.58
N LEU B 224 12.28 45.69 18.37
CA LEU B 224 13.70 45.51 18.13
C LEU B 224 14.31 46.90 18.14
N GLU B 225 15.06 47.21 19.19
CA GLU B 225 15.52 48.57 19.40
C GLU B 225 16.38 49.13 18.28
N ASP B 226 15.81 50.09 17.55
CA ASP B 226 16.53 50.92 16.60
C ASP B 226 16.06 52.34 16.83
N LEU B 227 16.94 53.20 17.34
CA LEU B 227 16.56 54.59 17.59
C LEU B 227 16.64 55.38 16.28
N ALA B 228 17.48 54.92 15.36
CA ALA B 228 17.56 55.50 14.04
C ALA B 228 16.18 55.52 13.39
N ALA B 229 15.64 54.32 13.17
CA ALA B 229 14.33 54.15 12.57
C ALA B 229 13.18 54.49 13.52
N ARG B 230 13.46 54.50 14.82
CA ARG B 230 12.41 54.83 15.79
C ARG B 230 11.89 56.24 15.57
N TYR B 231 12.73 57.08 14.97
CA TYR B 231 12.32 58.41 14.53
C TYR B 231 11.46 58.25 13.27
N PHE B 232 11.77 57.19 12.51
CA PHE B 232 11.15 56.91 11.20
C PHE B 232 9.83 56.15 11.17
N ASN B 233 9.10 56.10 12.29
CA ASN B 233 7.92 55.22 12.44
C ASN B 233 8.08 53.81 11.84
N TYR B 234 9.21 53.54 11.19
CA TYR B 234 9.48 52.26 10.56
C TYR B 234 10.35 51.37 11.45
N GLU B 235 10.08 51.40 12.75
CA GLU B 235 10.83 50.57 13.71
C GLU B 235 10.23 49.17 13.79
N THR B 236 11.07 48.16 13.60
CA THR B 236 10.60 46.77 13.57
C THR B 236 10.11 46.26 14.91
N GLN B 237 8.91 45.68 14.92
CA GLN B 237 8.32 45.12 16.14
C GLN B 237 7.81 43.70 15.89
N VAL B 238 7.88 42.87 16.92
CA VAL B 238 7.62 41.46 16.71
C VAL B 238 6.58 40.91 17.67
N TRP B 239 5.62 40.17 17.11
CA TRP B 239 4.58 39.50 17.87
C TRP B 239 4.86 38.00 17.87
N ILE B 240 4.97 37.40 19.05
CA ILE B 240 5.21 35.96 19.15
C ILE B 240 4.19 35.29 20.06
N LYS B 241 3.60 34.21 19.58
CA LYS B 241 2.67 33.44 20.39
C LYS B 241 3.23 32.07 20.77
N ASP B 242 3.72 31.95 22.00
CA ASP B 242 4.27 30.68 22.49
C ASP B 242 4.44 30.70 24.02
N HIS B 243 3.95 29.66 24.67
CA HIS B 243 3.98 29.56 26.12
CA HIS B 243 3.98 29.58 26.12
C HIS B 243 5.38 29.78 26.68
N ARG B 244 6.36 29.11 26.09
CA ARG B 244 7.75 29.20 26.55
C ARG B 244 8.33 30.61 26.42
N VAL B 245 8.30 31.16 25.21
CA VAL B 245 8.83 32.50 24.97
C VAL B 245 8.11 33.55 25.79
N VAL B 246 6.79 33.56 25.71
CA VAL B 246 6.02 34.56 26.45
C VAL B 246 6.27 34.39 27.94
N ALA B 247 6.50 33.16 28.39
CA ALA B 247 6.83 32.94 29.79
C ALA B 247 8.17 33.59 30.14
N LEU B 248 9.10 33.60 29.18
CA LEU B 248 10.42 34.18 29.41
C LEU B 248 10.27 35.69 29.61
N PHE B 249 9.45 36.32 28.77
CA PHE B 249 9.22 37.76 28.91
C PHE B 249 8.47 38.08 30.19
N LYS B 250 7.50 37.23 30.55
CA LYS B 250 6.73 37.47 31.77
C LYS B 250 7.64 37.49 33.01
N GLU B 251 8.71 36.69 32.99
CA GLU B 251 9.69 36.70 34.08
C GLU B 251 10.38 38.05 34.16
N LYS B 252 10.75 38.57 32.99
CA LYS B 252 11.40 39.86 32.92
C LYS B 252 10.46 40.93 33.45
N PHE B 253 9.21 40.88 33.01
CA PHE B 253 8.21 41.82 33.46
C PHE B 253 8.14 41.80 34.99
N ASN B 254 7.97 40.61 35.55
CA ASN B 254 7.89 40.45 37.00
C ASN B 254 9.15 40.98 37.68
N GLU B 255 10.27 40.94 36.97
CA GLU B 255 11.49 41.52 37.50
C GLU B 255 11.32 43.03 37.63
N TYR B 256 10.87 43.64 36.54
CA TYR B 256 10.53 45.06 36.54
C TYR B 256 9.48 45.34 37.61
N TRP B 257 8.39 44.59 37.53
CA TRP B 257 7.22 44.85 38.38
C TRP B 257 7.57 44.81 39.86
N GLU B 258 8.43 43.88 40.26
CA GLU B 258 8.81 43.74 41.67
C GLU B 258 9.77 44.82 42.14
N LYS B 259 10.17 45.70 41.23
CA LYS B 259 11.08 46.78 41.57
C LYS B 259 10.44 48.14 41.39
N ALA B 260 9.27 48.17 40.75
CA ALA B 260 8.60 49.43 40.50
C ALA B 260 7.84 49.84 41.75
N GLU B 261 7.07 50.92 41.64
CA GLU B 261 6.29 51.40 42.77
C GLU B 261 4.92 51.84 42.30
N LYS B 262 3.89 51.36 43.00
CA LYS B 262 2.52 51.62 42.61
C LYS B 262 2.13 53.07 42.88
N VAL B 263 1.29 53.62 42.01
CA VAL B 263 0.91 55.02 42.09
C VAL B 263 -0.27 55.20 43.05
N SER C 1 -0.12 -13.85 0.91
CA SER C 1 1.11 -14.44 0.39
C SER C 1 1.38 -13.98 -1.02
N LYS C 2 0.76 -14.65 -1.99
CA LYS C 2 0.92 -14.28 -3.40
C LYS C 2 0.63 -12.79 -3.57
N ASP C 3 -0.38 -12.31 -2.86
CA ASP C 3 -0.75 -10.91 -2.91
C ASP C 3 0.36 -10.07 -2.26
N ARG C 4 0.95 -10.62 -1.21
CA ARG C 4 2.04 -9.97 -0.49
C ARG C 4 3.31 -9.90 -1.32
N MET C 5 3.58 -10.96 -2.08
CA MET C 5 4.73 -10.99 -2.96
C MET C 5 4.56 -9.93 -4.04
N VAL C 6 3.39 -9.92 -4.65
CA VAL C 6 3.07 -8.94 -5.68
C VAL C 6 3.24 -7.54 -5.11
N GLU C 7 2.86 -7.38 -3.85
CA GLU C 7 2.95 -6.07 -3.21
C GLU C 7 4.41 -5.64 -3.10
N LEU C 8 5.25 -6.53 -2.60
CA LEU C 8 6.67 -6.24 -2.43
C LEU C 8 7.33 -5.90 -3.76
N LEU C 9 7.10 -6.76 -4.76
CA LEU C 9 7.70 -6.56 -6.08
C LEU C 9 7.38 -5.19 -6.65
N GLN C 10 6.13 -4.76 -6.49
CA GLN C 10 5.71 -3.46 -6.99
C GLN C 10 6.39 -2.33 -6.23
N GLU C 11 6.61 -2.57 -4.93
CA GLU C 11 7.12 -1.54 -4.04
C GLU C 11 8.63 -1.33 -4.21
N HIS C 12 9.40 -2.39 -3.99
CA HIS C 12 10.84 -2.28 -3.90
C HIS C 12 11.63 -2.72 -5.13
N PHE C 13 10.96 -3.29 -6.12
CA PHE C 13 11.69 -3.83 -7.28
C PHE C 13 11.16 -3.36 -8.62
N GLU C 14 10.37 -2.30 -8.58
CA GLU C 14 9.98 -1.55 -9.76
C GLU C 14 9.28 -2.39 -10.83
N LEU C 15 8.35 -3.24 -10.38
CA LEU C 15 7.53 -4.00 -11.30
C LEU C 15 6.11 -3.46 -11.28
N ASN C 16 5.48 -3.37 -12.46
CA ASN C 16 4.08 -2.97 -12.50
C ASN C 16 3.24 -4.15 -11.99
N LEU C 17 1.94 -3.92 -11.84
CA LEU C 17 1.05 -4.95 -11.32
C LEU C 17 1.18 -6.25 -12.12
N TYR C 18 1.06 -6.13 -13.43
CA TYR C 18 1.07 -7.30 -14.30
C TYR C 18 2.42 -8.03 -14.26
N GLU C 19 3.51 -7.25 -14.31
CA GLU C 19 4.84 -7.85 -14.28
C GLU C 19 5.10 -8.58 -12.97
N ALA C 20 4.65 -7.99 -11.87
CA ALA C 20 4.83 -8.61 -10.56
C ALA C 20 4.08 -9.94 -10.50
N ARG C 21 2.82 -9.93 -10.91
CA ARG C 21 2.03 -11.16 -10.98
C ARG C 21 2.72 -12.19 -11.85
N ALA C 22 3.03 -11.78 -13.09
CA ALA C 22 3.65 -12.66 -14.07
C ALA C 22 4.87 -13.36 -13.49
N TYR C 23 5.67 -12.60 -12.74
CA TYR C 23 6.89 -13.15 -12.18
C TYR C 23 6.60 -14.22 -11.14
N VAL C 24 5.63 -13.96 -10.27
CA VAL C 24 5.26 -14.94 -9.25
C VAL C 24 4.76 -16.20 -9.94
N ALA C 25 3.97 -16.01 -10.99
CA ALA C 25 3.48 -17.13 -11.79
C ALA C 25 4.65 -17.90 -12.40
N LEU C 26 5.60 -17.17 -12.97
CA LEU C 26 6.79 -17.78 -13.57
C LEU C 26 7.55 -18.60 -12.53
N VAL C 27 7.62 -18.07 -11.31
CA VAL C 27 8.33 -18.74 -10.23
C VAL C 27 7.57 -19.99 -9.79
N ALA C 28 6.24 -19.94 -9.89
CA ALA C 28 5.37 -21.01 -9.40
C ALA C 28 5.31 -22.21 -10.36
N PHE C 29 5.10 -21.92 -11.64
CA PHE C 29 4.92 -22.97 -12.64
C PHE C 29 6.22 -23.31 -13.39
N GLY C 30 7.31 -22.65 -13.02
CA GLY C 30 8.62 -22.96 -13.60
C GLY C 30 8.80 -22.51 -15.04
N VAL C 31 7.78 -22.71 -15.86
CA VAL C 31 7.79 -22.31 -17.26
C VAL C 31 6.40 -21.91 -17.68
N LEU C 32 6.28 -20.87 -18.51
CA LEU C 32 4.98 -20.44 -18.98
C LEU C 32 5.03 -19.76 -20.34
N THR C 33 4.08 -20.13 -21.19
CA THR C 33 3.84 -19.42 -22.42
C THR C 33 2.94 -18.24 -22.10
N PRO C 34 2.92 -17.23 -22.98
CA PRO C 34 2.04 -16.07 -22.78
C PRO C 34 0.62 -16.51 -22.50
N ALA C 35 0.13 -17.49 -23.25
CA ALA C 35 -1.23 -17.99 -23.06
C ALA C 35 -1.40 -18.61 -21.67
N GLU C 36 -0.49 -19.51 -21.31
CA GLU C 36 -0.54 -20.19 -20.02
C GLU C 36 -0.61 -19.18 -18.88
N LEU C 37 0.20 -18.13 -19.00
CA LEU C 37 0.20 -17.05 -18.02
C LEU C 37 -1.16 -16.35 -17.95
N ALA C 38 -1.73 -16.06 -19.11
CA ALA C 38 -3.03 -15.40 -19.19
C ALA C 38 -4.10 -16.25 -18.50
N SER C 39 -3.91 -17.57 -18.54
CA SER C 39 -4.86 -18.51 -17.97
C SER C 39 -4.79 -18.58 -16.45
N VAL C 40 -3.61 -18.95 -15.93
CA VAL C 40 -3.43 -19.21 -14.51
C VAL C 40 -3.40 -17.92 -13.67
N SER C 41 -3.18 -16.79 -14.34
CA SER C 41 -2.96 -15.53 -13.61
C SER C 41 -3.99 -14.48 -13.95
N GLU C 42 -3.86 -13.33 -13.30
CA GLU C 42 -4.79 -12.22 -13.51
C GLU C 42 -4.19 -11.20 -14.47
N VAL C 43 -3.21 -11.64 -15.26
CA VAL C 43 -2.64 -10.77 -16.29
C VAL C 43 -3.48 -10.92 -17.56
N PRO C 44 -4.15 -9.84 -18.00
CA PRO C 44 -4.94 -9.80 -19.23
C PRO C 44 -4.23 -10.48 -20.40
N ALA C 45 -4.92 -11.38 -21.10
CA ALA C 45 -4.29 -12.14 -22.19
C ALA C 45 -3.51 -11.23 -23.14
N PRO C 46 -4.17 -10.22 -23.72
CA PRO C 46 -3.49 -9.31 -24.66
C PRO C 46 -2.30 -8.56 -24.05
N ARG C 47 -2.13 -8.65 -22.74
CA ARG C 47 -1.03 -7.95 -22.10
C ARG C 47 0.11 -8.88 -21.73
N THR C 48 -0.16 -10.19 -21.70
CA THR C 48 0.82 -11.18 -21.28
C THR C 48 2.10 -11.08 -22.11
N TYR C 49 1.96 -10.79 -23.39
CA TYR C 49 3.11 -10.75 -24.28
C TYR C 49 4.10 -9.64 -23.89
N ASP C 50 3.67 -8.39 -23.96
CA ASP C 50 4.55 -7.27 -23.62
C ASP C 50 5.03 -7.38 -22.17
N VAL C 51 4.18 -7.93 -21.30
CA VAL C 51 4.50 -8.09 -19.89
C VAL C 51 5.64 -9.07 -19.70
N LEU C 52 5.63 -10.15 -20.47
CA LEU C 52 6.69 -11.15 -20.37
C LEU C 52 7.98 -10.62 -20.97
N ARG C 53 7.88 -9.97 -22.14
CA ARG C 53 9.03 -9.32 -22.75
C ARG C 53 9.61 -8.28 -21.78
N SER C 54 8.73 -7.55 -21.11
CA SER C 54 9.17 -6.57 -20.12
C SER C 54 9.97 -7.22 -19.00
N LEU C 55 9.43 -8.28 -18.42
CA LEU C 55 10.11 -9.00 -17.35
C LEU C 55 11.49 -9.47 -17.77
N GLU C 56 11.58 -9.96 -19.01
CA GLU C 56 12.87 -10.39 -19.55
C GLU C 56 13.84 -9.23 -19.58
N LYS C 57 13.39 -8.09 -20.07
CA LYS C 57 14.21 -6.91 -20.20
C LYS C 57 14.68 -6.47 -18.82
N LYS C 58 13.79 -6.51 -17.85
CA LYS C 58 14.13 -6.10 -16.50
C LYS C 58 14.95 -7.18 -15.79
N GLY C 59 15.25 -8.26 -16.49
CA GLY C 59 16.06 -9.34 -15.93
C GLY C 59 15.37 -10.23 -14.91
N PHE C 60 14.08 -10.49 -15.13
CA PHE C 60 13.31 -11.34 -14.22
C PHE C 60 12.91 -12.66 -14.88
N ALA C 61 13.02 -12.72 -16.20
CA ALA C 61 12.71 -13.92 -16.96
C ALA C 61 13.60 -14.04 -18.18
N MET C 62 13.76 -15.27 -18.68
CA MET C 62 14.58 -15.50 -19.86
C MET C 62 13.79 -16.28 -20.91
N THR C 63 14.16 -16.10 -22.17
CA THR C 63 13.45 -16.76 -23.26
C THR C 63 14.32 -17.63 -24.15
N GLN C 64 13.78 -18.79 -24.51
CA GLN C 64 14.39 -19.71 -25.46
C GLN C 64 14.20 -19.17 -26.87
N PRO C 65 15.09 -19.55 -27.80
CA PRO C 65 15.00 -19.08 -29.19
C PRO C 65 13.69 -19.46 -29.90
N GLY C 66 12.86 -20.29 -29.29
CA GLY C 66 11.59 -20.67 -29.88
C GLY C 66 11.51 -22.13 -30.28
N LYS C 67 10.79 -22.42 -31.37
CA LYS C 67 9.99 -21.42 -32.07
C LYS C 67 8.87 -20.86 -31.20
N THR C 68 8.53 -21.58 -30.14
CA THR C 68 7.44 -21.17 -29.26
C THR C 68 7.93 -20.09 -28.31
N ASN C 69 7.00 -19.41 -27.65
CA ASN C 69 7.36 -18.36 -26.71
C ASN C 69 7.12 -18.79 -25.27
N LYS C 70 8.09 -19.49 -24.70
CA LYS C 70 8.01 -19.96 -23.34
C LYS C 70 8.99 -19.18 -22.48
N TYR C 71 8.56 -18.81 -21.27
CA TYR C 71 9.38 -18.01 -20.37
C TYR C 71 9.64 -18.76 -19.07
N ARG C 72 10.88 -18.64 -18.58
CA ARG C 72 11.26 -19.20 -17.30
C ARG C 72 11.65 -18.07 -16.35
N PRO C 73 11.39 -18.25 -15.05
CA PRO C 73 11.76 -17.21 -14.10
C PRO C 73 13.26 -17.21 -13.86
N VAL C 74 13.81 -16.05 -13.54
CA VAL C 74 15.16 -15.97 -13.00
C VAL C 74 15.01 -16.23 -11.51
N HIS C 75 15.90 -17.06 -10.95
CA HIS C 75 15.81 -17.39 -9.54
C HIS C 75 15.88 -16.13 -8.69
N PRO C 76 14.89 -15.94 -7.80
CA PRO C 76 14.74 -14.76 -6.94
C PRO C 76 16.04 -14.38 -6.24
N ALA C 77 16.77 -15.40 -5.81
CA ALA C 77 18.06 -15.19 -5.15
C ALA C 77 19.02 -14.42 -6.07
N ASN C 78 18.93 -14.67 -7.37
CA ASN C 78 19.78 -13.99 -8.34
C ASN C 78 19.21 -12.66 -8.80
N VAL C 79 17.95 -12.65 -9.21
CA VAL C 79 17.35 -11.46 -9.79
C VAL C 79 17.20 -10.36 -8.74
N LEU C 80 16.76 -10.74 -7.54
CA LEU C 80 16.55 -9.76 -6.47
C LEU C 80 17.88 -9.15 -6.01
N GLU C 81 18.91 -9.98 -5.90
CA GLU C 81 20.22 -9.51 -5.48
C GLU C 81 20.82 -8.58 -6.54
N LYS C 82 20.57 -8.92 -7.80
CA LYS C 82 21.08 -8.14 -8.93
C LYS C 82 20.43 -6.76 -9.00
N PHE C 83 19.13 -6.71 -8.73
CA PHE C 83 18.40 -5.46 -8.79
C PHE C 83 18.96 -4.49 -7.75
N ILE C 84 19.13 -4.99 -6.52
CA ILE C 84 19.60 -4.17 -5.42
C ILE C 84 21.02 -3.67 -5.64
N GLN C 85 21.89 -4.56 -6.09
CA GLN C 85 23.27 -4.18 -6.35
C GLN C 85 23.33 -3.14 -7.47
N ASP C 86 22.53 -3.36 -8.51
CA ASP C 86 22.47 -2.42 -9.62
C ASP C 86 21.88 -1.09 -9.16
N TRP C 87 20.84 -1.15 -8.34
CA TRP C 87 20.19 0.05 -7.83
C TRP C 87 21.18 0.93 -7.07
N GLN C 88 22.00 0.30 -6.22
CA GLN C 88 23.02 1.02 -5.48
C GLN C 88 23.94 1.76 -6.44
N GLU C 89 24.24 1.12 -7.56
CA GLU C 89 25.06 1.74 -8.59
C GLU C 89 24.34 2.94 -9.17
N ARG C 90 23.06 2.77 -9.49
CA ARG C 90 22.28 3.83 -10.12
C ARG C 90 22.21 5.09 -9.26
N VAL C 91 22.01 4.90 -7.96
CA VAL C 91 21.86 6.03 -7.05
C VAL C 91 23.22 6.68 -6.86
N LYS C 92 24.25 5.86 -6.74
CA LYS C 92 25.61 6.33 -6.53
C LYS C 92 26.06 7.27 -7.65
N GLU C 93 25.58 7.00 -8.86
CA GLU C 93 25.92 7.83 -10.00
C GLU C 93 25.11 9.12 -10.02
N GLU C 94 23.85 9.03 -9.59
CA GLU C 94 22.99 10.20 -9.48
C GLU C 94 23.52 11.16 -8.42
N LEU C 95 24.13 10.60 -7.38
CA LEU C 95 24.75 11.38 -6.32
C LEU C 95 25.86 12.25 -6.91
N GLU C 96 26.70 11.63 -7.74
CA GLU C 96 27.79 12.34 -8.41
C GLU C 96 27.21 13.50 -9.23
N ALA C 97 26.15 13.21 -9.96
CA ALA C 97 25.49 14.20 -10.80
C ALA C 97 24.98 15.37 -9.95
N LYS C 98 24.39 15.03 -8.81
CA LYS C 98 23.87 16.02 -7.88
C LYS C 98 24.99 16.90 -7.35
N LYS C 99 26.08 16.27 -6.94
CA LYS C 99 27.22 17.01 -6.44
C LYS C 99 27.76 17.93 -7.52
N LYS C 100 27.78 17.43 -8.75
CA LYS C 100 28.28 18.21 -9.88
C LYS C 100 27.34 19.37 -10.22
N ALA C 101 26.05 19.12 -10.06
CA ALA C 101 25.04 20.14 -10.34
C ALA C 101 25.12 21.25 -9.30
N LYS C 102 25.43 20.85 -8.07
CA LYS C 102 25.59 21.77 -6.96
C LYS C 102 26.80 22.65 -7.17
N GLU C 103 27.93 22.01 -7.42
CA GLU C 103 29.18 22.74 -7.62
C GLU C 103 29.03 23.75 -8.73
N GLU C 104 28.30 23.39 -9.77
CA GLU C 104 28.08 24.30 -10.89
C GLU C 104 27.20 25.47 -10.47
N LEU C 105 26.11 25.20 -9.79
CA LEU C 105 25.19 26.24 -9.33
C LEU C 105 25.93 27.28 -8.49
N LEU C 106 26.70 26.82 -7.51
CA LEU C 106 27.49 27.71 -6.66
C LEU C 106 28.35 28.61 -7.54
N GLU C 107 28.86 28.05 -8.64
CA GLU C 107 29.68 28.83 -9.59
C GLU C 107 28.84 29.87 -10.33
N LEU C 108 27.69 29.44 -10.83
CA LEU C 108 26.78 30.32 -11.57
C LEU C 108 26.27 31.45 -10.71
N MET C 109 26.10 31.17 -9.42
CA MET C 109 25.51 32.12 -8.49
C MET C 109 26.57 32.98 -7.80
N ALA C 110 27.83 32.60 -7.96
CA ALA C 110 28.95 33.32 -7.35
C ALA C 110 28.90 34.80 -7.67
N PRO C 111 28.81 35.15 -8.95
CA PRO C 111 28.70 36.56 -9.35
C PRO C 111 27.50 37.23 -8.70
N LEU C 112 26.41 36.48 -8.52
CA LEU C 112 25.21 37.01 -7.90
C LEU C 112 25.47 37.43 -6.46
N ILE C 113 26.22 36.60 -5.74
CA ILE C 113 26.56 36.87 -4.36
C ILE C 113 27.85 37.69 -4.28
N GLU C 114 27.74 38.95 -4.67
CA GLU C 114 28.88 39.87 -4.62
C GLU C 114 28.80 40.75 -3.37
N THR C 115 29.78 41.62 -3.21
CA THR C 115 29.85 42.48 -2.03
C THR C 115 28.69 43.46 -1.97
N GLU C 116 27.74 43.18 -1.07
CA GLU C 116 26.57 44.02 -0.86
C GLU C 116 26.50 44.76 0.49
N VAL C 117 27.18 44.31 1.55
CA VAL C 117 28.02 43.11 1.55
C VAL C 117 27.13 41.86 1.51
N PRO C 118 26.12 41.79 2.40
CA PRO C 118 25.12 40.74 2.30
C PRO C 118 23.92 41.17 1.46
N LYS C 119 23.45 40.30 0.57
CA LYS C 119 22.26 40.59 -0.22
C LYS C 119 21.11 40.89 0.73
N TYR C 120 21.06 40.08 1.77
CA TYR C 120 20.11 40.19 2.86
C TYR C 120 20.84 40.66 4.11
N GLY C 121 20.59 41.90 4.50
CA GLY C 121 21.27 42.48 5.64
C GLY C 121 20.45 43.64 6.19
N VAL C 122 20.78 44.05 7.40
CA VAL C 122 20.04 45.11 8.06
C VAL C 122 18.68 44.56 8.51
N GLU C 123 18.46 43.28 8.23
CA GLU C 123 17.24 42.58 8.63
C GLU C 123 17.51 41.86 9.94
N ARG C 124 16.73 42.18 10.97
CA ARG C 124 17.05 41.72 12.31
C ARG C 124 16.12 40.66 12.88
N VAL C 125 15.20 40.16 12.05
CA VAL C 125 14.33 39.06 12.45
C VAL C 125 13.94 38.22 11.24
N TRP C 126 14.19 36.92 11.32
CA TRP C 126 13.77 36.00 10.27
C TRP C 126 13.15 34.76 10.89
N VAL C 127 12.21 34.16 10.17
CA VAL C 127 11.57 32.92 10.57
C VAL C 127 12.04 31.78 9.68
N VAL C 128 12.18 30.60 10.29
CA VAL C 128 12.58 29.41 9.56
C VAL C 128 11.63 28.25 9.86
N ARG C 129 11.06 27.63 8.83
CA ARG C 129 10.06 26.55 9.01
C ARG C 129 10.67 25.16 9.09
N GLY C 130 10.27 24.42 10.12
CA GLY C 130 10.68 23.04 10.26
C GLY C 130 12.00 22.82 10.94
N ILE C 131 12.00 22.05 12.02
CA ILE C 131 13.20 21.75 12.77
C ILE C 131 14.31 21.22 11.87
N LYS C 132 13.93 20.60 10.76
CA LYS C 132 14.90 20.05 9.82
C LYS C 132 15.72 21.15 9.14
N ASN C 133 15.21 22.37 9.13
CA ASN C 133 15.90 23.48 8.46
C ASN C 133 16.63 24.42 9.43
N SER C 134 16.69 24.03 10.70
CA SER C 134 17.30 24.84 11.73
C SER C 134 18.72 25.26 11.37
N THR C 135 19.52 24.31 10.92
CA THR C 135 20.93 24.58 10.68
C THR C 135 21.13 25.50 9.48
N LEU C 136 20.12 25.62 8.63
CA LEU C 136 20.25 26.49 7.45
C LEU C 136 20.43 27.94 7.88
N LYS C 137 20.07 28.26 9.12
CA LYS C 137 20.31 29.58 9.67
C LYS C 137 21.42 29.57 10.73
N THR C 138 21.32 28.63 11.66
CA THR C 138 22.28 28.54 12.76
C THR C 138 23.70 28.43 12.22
N LYS C 139 23.84 27.80 11.06
CA LYS C 139 25.13 27.70 10.40
C LYS C 139 25.75 29.08 10.22
N GLU C 140 24.95 30.00 9.67
CA GLU C 140 25.42 31.36 9.51
C GLU C 140 25.78 31.98 10.87
N MET C 141 24.95 31.73 11.88
CA MET C 141 25.19 32.26 13.23
C MET C 141 26.53 31.83 13.79
N LEU C 142 26.90 30.58 13.55
CA LEU C 142 28.15 30.03 14.09
C LEU C 142 29.37 30.47 13.30
N GLU C 143 29.22 30.61 11.98
CA GLU C 143 30.34 30.99 11.13
C GLU C 143 30.69 32.46 11.30
N GLU C 144 29.74 33.25 11.81
CA GLU C 144 29.94 34.69 11.92
C GLU C 144 30.17 35.13 13.37
N ALA C 145 30.08 34.17 14.28
CA ALA C 145 30.31 34.42 15.71
C ALA C 145 31.72 34.98 15.94
N GLN C 146 31.80 36.12 16.63
CA GLN C 146 33.08 36.76 16.85
C GLN C 146 33.47 36.78 18.33
N ASN C 147 32.47 36.82 19.21
CA ASN C 147 32.72 36.97 20.63
C ASN C 147 32.30 35.75 21.44
N GLU C 148 31.01 35.44 21.44
CA GLU C 148 30.48 34.41 22.32
C GLU C 148 29.50 33.48 21.61
N ILE C 149 29.51 32.21 22.02
CA ILE C 149 28.58 31.22 21.51
C ILE C 149 28.00 30.45 22.68
N LEU C 150 26.69 30.55 22.86
CA LEU C 150 26.02 29.83 23.94
C LEU C 150 24.98 28.88 23.35
N LEU C 151 25.29 27.59 23.41
CA LEU C 151 24.43 26.57 22.82
C LEU C 151 23.78 25.71 23.89
N ALA C 152 22.45 25.72 23.91
CA ALA C 152 21.67 24.80 24.73
C ALA C 152 20.95 23.84 23.79
N ASP C 153 21.69 22.87 23.26
CA ASP C 153 21.21 22.05 22.16
C ASP C 153 20.18 21.00 22.56
N ASP C 154 19.12 20.90 21.78
CA ASP C 154 18.08 19.90 22.00
C ASP C 154 18.38 18.69 21.11
N GLY C 155 19.33 18.87 20.20
CA GLY C 155 19.71 17.84 19.26
C GLY C 155 19.39 18.20 17.82
N PHE C 156 18.91 19.43 17.60
CA PHE C 156 18.49 19.85 16.27
C PHE C 156 18.91 21.29 15.98
N ILE C 157 19.26 22.03 17.03
CA ILE C 157 19.72 23.41 16.88
C ILE C 157 20.98 23.44 16.01
N ALA C 158 21.94 22.58 16.33
CA ALA C 158 23.22 22.59 15.62
C ALA C 158 23.67 21.18 15.24
N VAL C 159 22.80 20.48 14.51
CA VAL C 159 23.12 19.14 14.04
C VAL C 159 24.20 19.20 12.95
N ASN C 160 25.24 18.39 13.12
CA ASN C 160 26.32 18.28 12.14
C ASN C 160 27.07 19.60 11.95
N LEU C 161 27.01 20.48 12.94
CA LEU C 161 27.71 21.75 12.85
C LEU C 161 28.97 21.77 13.71
N GLU C 162 29.35 20.61 14.21
CA GLU C 162 30.49 20.47 15.10
C GLU C 162 31.73 21.16 14.53
N ASP C 163 31.96 21.00 13.23
CA ASP C 163 33.12 21.58 12.59
C ASP C 163 33.15 23.10 12.74
N ASP C 164 31.98 23.72 12.67
CA ASP C 164 31.91 25.18 12.77
C ASP C 164 32.12 25.65 14.20
N ILE C 165 31.70 24.82 15.15
CA ILE C 165 31.86 25.16 16.55
C ILE C 165 33.34 25.14 16.92
N ILE C 166 34.03 24.06 16.58
CA ILE C 166 35.44 23.96 16.89
C ILE C 166 36.20 25.02 16.10
N LYS C 167 35.69 25.35 14.92
CA LYS C 167 36.33 26.35 14.07
C LYS C 167 36.17 27.74 14.68
N ALA C 168 34.99 28.00 15.25
CA ALA C 168 34.74 29.27 15.91
C ALA C 168 35.64 29.43 17.13
N VAL C 169 35.79 28.35 17.89
CA VAL C 169 36.64 28.35 19.07
C VAL C 169 38.08 28.69 18.70
N ASP C 170 38.49 28.30 17.50
CA ASP C 170 39.87 28.56 17.07
C ASP C 170 40.12 30.05 16.87
N ARG C 171 39.11 30.77 16.39
CA ARG C 171 39.27 32.19 16.12
C ARG C 171 38.91 33.03 17.34
N GLY C 172 38.98 32.40 18.51
CA GLY C 172 38.85 33.11 19.76
C GLY C 172 37.45 33.48 20.19
N VAL C 173 36.49 32.58 19.94
CA VAL C 173 35.14 32.80 20.42
C VAL C 173 34.92 31.91 21.65
N LYS C 174 34.46 32.53 22.73
CA LYS C 174 34.14 31.82 23.94
C LYS C 174 32.90 30.96 23.69
N THR C 175 33.00 29.67 23.98
CA THR C 175 31.94 28.73 23.65
C THR C 175 31.46 27.93 24.85
N LYS C 176 30.18 28.06 25.17
CA LYS C 176 29.55 27.25 26.21
C LYS C 176 28.48 26.35 25.60
N ILE C 177 28.65 25.04 25.77
CA ILE C 177 27.72 24.07 25.21
C ILE C 177 26.98 23.31 26.30
N LEU C 178 25.66 23.44 26.31
CA LEU C 178 24.79 22.78 27.27
C LEU C 178 23.92 21.73 26.59
N LEU C 179 24.14 20.46 26.91
CA LEU C 179 23.41 19.37 26.26
C LEU C 179 22.58 18.55 27.25
N THR C 180 21.47 17.98 26.77
CA THR C 180 20.71 17.02 27.56
C THR C 180 21.53 15.73 27.69
N LYS C 181 21.36 15.03 28.81
CA LYS C 181 22.19 13.87 29.10
C LYS C 181 22.05 12.76 28.07
N ASN C 182 20.90 12.72 27.39
CA ASN C 182 20.66 11.66 26.42
C ASN C 182 21.40 11.92 25.10
N LEU C 183 21.91 13.14 24.94
CA LEU C 183 22.65 13.49 23.74
C LEU C 183 24.13 13.17 23.87
N LEU C 184 24.68 13.47 25.04
CA LEU C 184 26.12 13.31 25.27
C LEU C 184 26.66 11.94 24.86
N PRO C 185 25.93 10.86 25.16
CA PRO C 185 26.47 9.53 24.82
C PRO C 185 26.85 9.37 23.35
N ARG C 186 26.47 10.33 22.51
CA ARG C 186 26.82 10.28 21.09
C ARG C 186 27.64 11.49 20.65
N LEU C 187 28.66 11.82 21.43
CA LEU C 187 29.57 12.89 21.05
C LEU C 187 30.98 12.38 20.78
N LYS C 188 31.10 11.09 20.51
CA LYS C 188 32.41 10.48 20.29
C LYS C 188 32.89 10.83 18.87
N ALA C 189 34.17 11.20 18.73
CA ALA C 189 35.15 11.14 19.81
C ALA C 189 34.79 12.05 21.00
N SER C 190 34.65 13.36 20.79
CA SER C 190 34.82 14.03 19.49
C SER C 190 35.61 15.31 19.67
N LYS C 191 35.83 16.04 18.58
CA LYS C 191 36.54 17.31 18.63
C LYS C 191 35.96 18.25 19.69
N ILE C 192 34.64 18.15 19.89
CA ILE C 192 33.94 18.93 20.91
C ILE C 192 34.15 18.37 22.32
N ILE C 193 34.62 17.13 22.41
CA ILE C 193 34.90 16.56 23.72
C ILE C 193 36.35 16.70 24.15
N ASP C 194 37.30 16.61 23.21
CA ASP C 194 38.67 16.89 23.60
C ASP C 194 39.04 18.29 23.12
N TYR C 195 38.09 19.21 23.27
CA TYR C 195 38.36 20.63 23.12
C TYR C 195 38.07 21.27 24.46
N ALA C 196 37.22 20.59 25.22
CA ALA C 196 36.83 21.02 26.55
C ALA C 196 37.90 20.64 27.57
N LYS C 197 38.32 19.38 27.53
CA LYS C 197 39.37 18.92 28.42
C LYS C 197 40.63 19.72 28.16
N GLU C 198 40.79 20.18 26.92
CA GLU C 198 41.88 21.07 26.58
C GLU C 198 41.61 22.46 27.14
N GLY C 199 40.33 22.73 27.40
CA GLY C 199 39.92 24.00 27.98
C GLY C 199 39.54 25.05 26.96
N LYS C 200 39.56 24.68 25.68
CA LYS C 200 39.23 25.62 24.61
C LYS C 200 37.74 25.94 24.58
N LEU C 201 36.96 25.17 25.34
CA LEU C 201 35.52 25.42 25.46
C LEU C 201 34.96 24.69 26.68
N GLU C 202 33.71 24.99 27.01
CA GLU C 202 33.07 24.35 28.15
C GLU C 202 31.92 23.46 27.67
N LEU C 203 31.66 22.40 28.42
CA LEU C 203 30.61 21.46 28.05
C LEU C 203 29.91 20.92 29.30
N ARG C 204 28.62 21.19 29.40
CA ARG C 204 27.84 20.74 30.55
C ARG C 204 26.56 20.04 30.11
N ALA C 205 26.21 18.98 30.82
CA ALA C 205 25.03 18.20 30.49
C ALA C 205 23.92 18.48 31.49
N LEU C 206 22.68 18.27 31.07
CA LEU C 206 21.53 18.56 31.92
C LEU C 206 20.36 17.68 31.52
N ASP C 207 19.64 17.16 32.50
CA ASP C 207 18.54 16.24 32.25
C ASP C 207 17.44 16.89 31.42
N LYS C 208 17.04 18.10 31.81
CA LYS C 208 15.87 18.73 31.22
C LYS C 208 15.96 20.25 31.21
N PHE C 209 15.73 20.85 30.05
CA PHE C 209 15.51 22.29 29.99
C PHE C 209 14.52 22.61 28.87
N ASP C 210 13.58 23.51 29.16
CA ASP C 210 12.41 23.72 28.32
C ASP C 210 12.66 24.57 27.09
N LEU C 211 13.73 25.35 27.09
CA LEU C 211 13.97 26.31 26.02
C LEU C 211 15.34 26.16 25.37
N PRO C 212 15.52 25.13 24.52
CA PRO C 212 16.75 24.99 23.75
C PRO C 212 17.00 26.22 22.89
N MET C 213 18.25 26.64 22.75
CA MET C 213 18.56 27.88 22.04
C MET C 213 19.99 27.93 21.54
N LEU C 214 20.26 28.87 20.64
CA LEU C 214 21.61 29.18 20.20
C LEU C 214 21.85 30.68 20.26
N ILE C 215 22.81 31.10 21.09
CA ILE C 215 23.20 32.50 21.17
C ILE C 215 24.57 32.70 20.53
N CYS C 216 24.67 33.68 19.65
CA CYS C 216 25.94 34.04 19.02
C CYS C 216 26.07 35.55 18.96
N ASP C 217 26.95 36.09 19.79
CA ASP C 217 27.08 37.54 19.90
C ASP C 217 25.74 38.15 20.29
N GLU C 218 25.22 39.04 19.46
CA GLU C 218 23.92 39.65 19.74
C GLU C 218 22.82 39.00 18.92
N GLU C 219 22.94 37.70 18.70
CA GLU C 219 21.95 36.96 17.93
C GLU C 219 21.45 35.77 18.73
N VAL C 220 20.15 35.53 18.60
CA VAL C 220 19.53 34.40 19.26
C VAL C 220 18.70 33.61 18.27
N PHE C 221 18.76 32.29 18.38
CA PHE C 221 17.92 31.41 17.59
C PHE C 221 17.16 30.47 18.54
N PHE C 222 15.84 30.45 18.42
CA PHE C 222 15.00 29.58 19.23
C PHE C 222 13.83 29.07 18.41
N ALA C 223 13.25 27.95 18.82
CA ALA C 223 12.09 27.40 18.13
C ALA C 223 10.84 27.55 18.98
N LEU C 224 9.72 27.80 18.32
CA LEU C 224 8.43 27.79 19.00
C LEU C 224 8.02 26.34 19.22
N GLU C 225 6.81 26.12 19.71
CA GLU C 225 6.37 24.78 20.05
C GLU C 225 4.88 24.56 19.78
N ASP C 226 4.60 23.74 18.77
CA ASP C 226 3.22 23.40 18.42
C ASP C 226 3.15 21.99 17.83
N LEU C 227 2.44 21.10 18.54
CA LEU C 227 2.33 19.70 18.12
C LEU C 227 1.87 19.56 16.67
N ALA C 228 0.79 20.25 16.31
CA ALA C 228 0.24 20.17 14.96
C ALA C 228 1.27 20.57 13.92
N ALA C 229 2.01 21.64 14.21
CA ALA C 229 3.01 22.16 13.30
C ALA C 229 4.10 21.12 13.02
N ARG C 230 4.53 20.45 14.08
CA ARG C 230 5.64 19.50 13.99
C ARG C 230 5.23 18.23 13.26
N TYR C 231 3.95 17.86 13.36
CA TYR C 231 3.41 16.72 12.63
C TYR C 231 3.55 16.94 11.13
N PHE C 232 3.56 18.20 10.74
CA PHE C 232 3.64 18.57 9.33
C PHE C 232 4.97 19.21 9.00
N ASN C 233 5.98 18.95 9.83
CA ASN C 233 7.31 19.49 9.62
C ASN C 233 7.26 20.97 9.31
N TYR C 234 6.58 21.73 10.16
CA TYR C 234 6.29 23.12 9.90
C TYR C 234 6.53 23.97 11.15
N GLU C 235 7.27 23.42 12.10
CA GLU C 235 7.55 24.14 13.34
C GLU C 235 8.20 25.48 13.02
N THR C 236 7.84 26.49 13.80
CA THR C 236 8.40 27.82 13.58
C THR C 236 9.64 28.07 14.43
N GLN C 237 10.70 28.48 13.77
CA GLN C 237 11.92 28.87 14.46
C GLN C 237 12.19 30.34 14.17
N VAL C 238 12.71 31.06 15.16
CA VAL C 238 12.92 32.51 15.05
C VAL C 238 14.38 32.90 15.23
N TRP C 239 14.83 33.82 14.39
CA TRP C 239 16.16 34.42 14.55
C TRP C 239 16.02 35.91 14.82
N ILE C 240 16.48 36.33 15.99
CA ILE C 240 16.38 37.72 16.38
C ILE C 240 17.75 38.29 16.65
N LYS C 241 18.05 39.42 16.03
CA LYS C 241 19.28 40.15 16.30
C LYS C 241 18.97 41.40 17.11
N ASP C 242 19.03 41.29 18.43
CA ASP C 242 18.76 42.42 19.31
C ASP C 242 19.45 42.24 20.68
N HIS C 243 20.21 43.23 21.12
CA HIS C 243 21.00 43.07 22.34
C HIS C 243 20.13 42.87 23.58
N ARG C 244 18.94 43.47 23.58
CA ARG C 244 18.02 43.35 24.72
C ARG C 244 17.34 41.97 24.77
N VAL C 245 16.91 41.49 23.61
CA VAL C 245 16.27 40.17 23.51
C VAL C 245 17.26 39.04 23.78
N VAL C 246 18.41 39.10 23.10
CA VAL C 246 19.45 38.09 23.26
C VAL C 246 19.89 38.04 24.72
N ALA C 247 20.04 39.20 25.32
CA ALA C 247 20.48 39.30 26.71
C ALA C 247 19.48 38.58 27.62
N LEU C 248 18.21 38.69 27.28
CA LEU C 248 17.17 38.01 28.04
C LEU C 248 17.34 36.50 27.96
N PHE C 249 17.42 35.99 26.73
CA PHE C 249 17.64 34.56 26.52
C PHE C 249 18.92 34.11 27.19
N LYS C 250 19.91 34.99 27.22
CA LYS C 250 21.19 34.68 27.84
C LYS C 250 21.03 34.53 29.36
N GLU C 251 20.12 35.30 29.94
CA GLU C 251 19.80 35.14 31.35
C GLU C 251 19.23 33.74 31.59
N LYS C 252 18.44 33.26 30.64
CA LYS C 252 17.82 31.94 30.75
C LYS C 252 18.86 30.84 30.57
N PHE C 253 19.74 31.04 29.60
CA PHE C 253 20.83 30.11 29.38
C PHE C 253 21.67 29.99 30.64
N ASN C 254 22.11 31.13 31.16
CA ASN C 254 22.92 31.14 32.37
C ASN C 254 22.20 30.43 33.50
N GLU C 255 20.88 30.54 33.54
CA GLU C 255 20.08 29.80 34.52
C GLU C 255 20.23 28.29 34.31
N TYR C 256 20.09 27.85 33.06
CA TYR C 256 20.27 26.45 32.73
C TYR C 256 21.71 26.02 33.05
N TRP C 257 22.64 26.90 32.73
CA TRP C 257 24.07 26.58 32.78
C TRP C 257 24.60 26.44 34.20
N GLU C 258 23.89 26.99 35.16
CA GLU C 258 24.31 26.95 36.56
C GLU C 258 23.79 25.72 37.29
N LYS C 259 23.22 24.79 36.53
CA LYS C 259 22.67 23.57 37.11
C LYS C 259 23.26 22.33 36.44
N ALA C 260 23.95 22.54 35.32
CA ALA C 260 24.52 21.45 34.55
C ALA C 260 25.79 20.90 35.17
N GLU C 261 26.20 19.72 34.72
CA GLU C 261 27.41 19.07 35.19
C GLU C 261 28.53 19.22 34.17
N LYS C 262 29.77 19.36 34.65
CA LYS C 262 30.91 19.60 33.78
C LYS C 262 31.22 18.41 32.86
N VAL C 263 30.49 17.31 33.04
CA VAL C 263 30.67 16.11 32.23
C VAL C 263 32.13 15.64 32.28
N SER D 1 1.60 8.55 13.45
CA SER D 1 2.19 8.51 12.11
C SER D 1 1.23 9.06 11.05
N LYS D 2 1.44 10.32 10.68
CA LYS D 2 0.64 10.97 9.65
C LYS D 2 0.56 10.14 8.38
N ASP D 3 1.64 9.46 8.04
CA ASP D 3 1.69 8.63 6.83
C ASP D 3 0.73 7.46 6.94
N ARG D 4 0.62 6.91 8.14
CA ARG D 4 -0.29 5.77 8.39
C ARG D 4 -1.74 6.22 8.35
N MET D 5 -2.00 7.43 8.84
CA MET D 5 -3.34 8.00 8.79
C MET D 5 -3.75 8.20 7.34
N VAL D 6 -2.88 8.82 6.57
CA VAL D 6 -3.13 9.06 5.16
C VAL D 6 -3.36 7.74 4.42
N GLU D 7 -2.59 6.72 4.79
CA GLU D 7 -2.72 5.43 4.15
C GLU D 7 -4.10 4.84 4.45
N LEU D 8 -4.48 4.85 5.71
CA LEU D 8 -5.76 4.27 6.11
C LEU D 8 -6.92 4.99 5.40
N LEU D 9 -6.93 6.31 5.46
CA LEU D 9 -7.99 7.09 4.83
C LEU D 9 -8.14 6.76 3.35
N GLN D 10 -7.02 6.61 2.66
CA GLN D 10 -7.02 6.28 1.24
C GLN D 10 -7.60 4.90 0.97
N GLU D 11 -7.30 3.97 1.87
CA GLU D 11 -7.68 2.58 1.67
C GLU D 11 -9.15 2.33 2.01
N HIS D 12 -9.53 2.61 3.26
CA HIS D 12 -10.83 2.18 3.77
C HIS D 12 -11.91 3.27 3.77
N PHE D 13 -11.57 4.50 3.44
CA PHE D 13 -12.55 5.57 3.52
C PHE D 13 -12.65 6.43 2.26
N GLU D 14 -12.10 5.91 1.17
CA GLU D 14 -12.33 6.47 -0.17
C GLU D 14 -11.94 7.93 -0.29
N LEU D 15 -10.77 8.27 0.24
CA LEU D 15 -10.20 9.60 0.07
C LEU D 15 -9.00 9.50 -0.86
N ASN D 16 -8.84 10.46 -1.77
CA ASN D 16 -7.65 10.49 -2.58
C ASN D 16 -6.46 10.94 -1.71
N LEU D 17 -5.26 10.90 -2.27
CA LEU D 17 -4.07 11.27 -1.54
C LEU D 17 -4.20 12.67 -0.92
N TYR D 18 -4.58 13.63 -1.75
CA TYR D 18 -4.70 15.01 -1.32
C TYR D 18 -5.78 15.18 -0.25
N GLU D 19 -6.93 14.56 -0.48
CA GLU D 19 -8.05 14.67 0.46
C GLU D 19 -7.67 14.05 1.80
N ALA D 20 -6.95 12.93 1.73
CA ALA D 20 -6.51 12.25 2.94
C ALA D 20 -5.58 13.17 3.73
N ARG D 21 -4.63 13.78 3.02
CA ARG D 21 -3.73 14.73 3.63
C ARG D 21 -4.53 15.89 4.22
N ALA D 22 -5.35 16.51 3.37
CA ALA D 22 -6.16 17.67 3.77
C ALA D 22 -6.95 17.39 5.05
N TYR D 23 -7.53 16.20 5.16
CA TYR D 23 -8.34 15.92 6.35
C TYR D 23 -7.46 15.87 7.61
N VAL D 24 -6.31 15.22 7.53
CA VAL D 24 -5.40 15.17 8.67
C VAL D 24 -4.94 16.58 9.03
N ALA D 25 -4.68 17.38 8.02
CA ALA D 25 -4.32 18.78 8.23
C ALA D 25 -5.46 19.48 8.95
N LEU D 26 -6.69 19.27 8.46
CA LEU D 26 -7.87 19.87 9.07
C LEU D 26 -8.03 19.42 10.52
N VAL D 27 -7.77 18.15 10.78
CA VAL D 27 -7.90 17.60 12.12
C VAL D 27 -6.82 18.15 13.02
N ALA D 28 -5.66 18.44 12.43
CA ALA D 28 -4.49 18.87 13.18
C ALA D 28 -4.57 20.34 13.60
N PHE D 29 -4.89 21.21 12.65
CA PHE D 29 -4.88 22.65 12.89
C PHE D 29 -6.25 23.19 13.24
N GLY D 30 -7.25 22.31 13.32
CA GLY D 30 -8.59 22.71 13.74
C GLY D 30 -9.37 23.53 12.74
N VAL D 31 -8.69 24.47 12.08
CA VAL D 31 -9.29 25.31 11.05
C VAL D 31 -8.23 25.64 10.01
N LEU D 32 -8.62 25.69 8.74
CA LEU D 32 -7.68 26.03 7.67
C LEU D 32 -8.35 26.69 6.48
N THR D 33 -7.73 27.75 6.01
CA THR D 33 -8.07 28.36 4.73
C THR D 33 -7.31 27.58 3.66
N PRO D 34 -7.79 27.63 2.41
CA PRO D 34 -7.12 26.91 1.32
C PRO D 34 -5.62 27.22 1.23
N ALA D 35 -5.27 28.50 1.37
CA ALA D 35 -3.86 28.92 1.34
C ALA D 35 -3.11 28.30 2.52
N GLU D 36 -3.68 28.39 3.70
CA GLU D 36 -3.04 27.82 4.88
C GLU D 36 -2.75 26.34 4.69
N LEU D 37 -3.69 25.61 4.09
CA LEU D 37 -3.52 24.20 3.78
C LEU D 37 -2.35 23.99 2.82
N ALA D 38 -2.30 24.80 1.77
CA ALA D 38 -1.23 24.69 0.79
C ALA D 38 0.14 24.87 1.45
N SER D 39 0.17 25.68 2.50
CA SER D 39 1.42 25.98 3.20
C SER D 39 1.92 24.83 4.08
N VAL D 40 1.11 24.45 5.06
CA VAL D 40 1.54 23.48 6.06
C VAL D 40 1.56 22.04 5.53
N SER D 41 0.88 21.79 4.40
CA SER D 41 0.72 20.42 3.93
C SER D 41 1.30 20.21 2.53
N GLU D 42 1.25 18.98 2.05
CA GLU D 42 1.84 18.63 0.76
C GLU D 42 0.79 18.61 -0.34
N VAL D 43 -0.35 19.24 -0.07
CA VAL D 43 -1.40 19.38 -1.06
C VAL D 43 -1.13 20.63 -1.91
N PRO D 44 -0.92 20.44 -3.22
CA PRO D 44 -0.70 21.52 -4.18
C PRO D 44 -1.62 22.71 -3.92
N ALA D 45 -1.05 23.91 -3.87
CA ALA D 45 -1.83 25.11 -3.58
C ALA D 45 -3.09 25.17 -4.44
N PRO D 46 -2.94 25.15 -5.77
CA PRO D 46 -4.08 25.24 -6.69
C PRO D 46 -5.11 24.12 -6.56
N ARG D 47 -4.80 23.09 -5.77
CA ARG D 47 -5.72 21.95 -5.62
C ARG D 47 -6.47 22.04 -4.29
N THR D 48 -5.98 22.88 -3.38
CA THR D 48 -6.55 22.97 -2.05
C THR D 48 -8.06 23.24 -2.08
N TYR D 49 -8.51 24.06 -3.01
CA TYR D 49 -9.92 24.39 -3.11
C TYR D 49 -10.79 23.18 -3.43
N ASP D 50 -10.59 22.58 -4.61
CA ASP D 50 -11.38 21.42 -4.98
C ASP D 50 -11.19 20.30 -3.96
N VAL D 51 -10.00 20.21 -3.38
CA VAL D 51 -9.73 19.18 -2.37
C VAL D 51 -10.58 19.41 -1.13
N LEU D 52 -10.68 20.68 -0.71
CA LEU D 52 -11.45 21.03 0.47
C LEU D 52 -12.95 20.94 0.20
N ARG D 53 -13.39 21.45 -0.95
CA ARG D 53 -14.79 21.29 -1.33
C ARG D 53 -15.15 19.82 -1.38
N SER D 54 -14.25 19.01 -1.93
CA SER D 54 -14.48 17.57 -2.00
C SER D 54 -14.68 16.96 -0.62
N LEU D 55 -13.78 17.28 0.32
CA LEU D 55 -13.90 16.79 1.69
C LEU D 55 -15.23 17.20 2.31
N GLU D 56 -15.63 18.43 2.04
CA GLU D 56 -16.91 18.93 2.53
C GLU D 56 -18.04 18.08 1.97
N LYS D 57 -17.97 17.82 0.68
CA LYS D 57 -18.97 17.02 0.00
C LYS D 57 -19.03 15.61 0.59
N LYS D 58 -17.87 15.03 0.85
CA LYS D 58 -17.80 13.67 1.40
C LYS D 58 -18.10 13.66 2.90
N GLY D 59 -18.41 14.83 3.45
CA GLY D 59 -18.73 14.95 4.87
C GLY D 59 -17.55 14.81 5.82
N PHE D 60 -16.38 15.30 5.39
CA PHE D 60 -15.18 15.21 6.21
C PHE D 60 -14.79 16.59 6.73
N ALA D 61 -15.33 17.64 6.14
CA ALA D 61 -15.06 19.01 6.58
C ALA D 61 -16.28 19.89 6.39
N MET D 62 -16.36 20.95 7.17
CA MET D 62 -17.48 21.88 7.12
C MET D 62 -17.04 23.33 6.93
N THR D 63 -17.93 24.13 6.38
CA THR D 63 -17.67 25.55 6.18
C THR D 63 -18.74 26.32 6.95
N GLN D 64 -18.36 27.42 7.57
CA GLN D 64 -19.31 28.23 8.32
C GLN D 64 -20.23 29.00 7.38
N PRO D 65 -21.48 29.27 7.83
CA PRO D 65 -22.43 30.03 7.02
C PRO D 65 -21.93 31.45 6.73
N GLY D 66 -20.86 31.85 7.41
CA GLY D 66 -20.28 33.16 7.23
C GLY D 66 -19.32 33.20 6.06
N LYS D 67 -18.26 34.00 6.19
CA LYS D 67 -17.23 34.06 5.16
C LYS D 67 -16.63 32.68 4.98
N THR D 68 -17.07 32.00 3.91
CA THR D 68 -16.68 30.61 3.66
C THR D 68 -15.30 30.47 3.01
N ASN D 69 -14.27 30.94 3.71
CA ASN D 69 -12.89 30.79 3.26
C ASN D 69 -12.18 29.81 4.17
N LYS D 70 -12.81 29.49 5.29
CA LYS D 70 -12.22 28.62 6.31
C LYS D 70 -12.93 27.28 6.42
N TYR D 71 -12.15 26.21 6.56
CA TYR D 71 -12.71 24.88 6.69
C TYR D 71 -12.29 24.25 8.01
N ARG D 72 -13.25 23.60 8.67
CA ARG D 72 -13.00 22.86 9.89
C ARG D 72 -13.28 21.38 9.64
N PRO D 73 -12.51 20.50 10.30
CA PRO D 73 -12.69 19.05 10.12
C PRO D 73 -13.94 18.58 10.82
N VAL D 74 -14.58 17.54 10.30
CA VAL D 74 -15.61 16.85 11.06
C VAL D 74 -14.90 15.85 11.95
N HIS D 75 -15.30 15.77 13.21
CA HIS D 75 -14.62 14.91 14.17
C HIS D 75 -14.58 13.46 13.68
N PRO D 76 -13.38 12.87 13.66
CA PRO D 76 -13.15 11.50 13.18
C PRO D 76 -14.11 10.49 13.78
N ALA D 77 -14.43 10.65 15.06
CA ALA D 77 -15.37 9.76 15.74
C ALA D 77 -16.74 9.79 15.05
N ASN D 78 -17.11 10.96 14.54
CA ASN D 78 -18.40 11.12 13.87
C ASN D 78 -18.34 10.78 12.37
N VAL D 79 -17.35 11.32 11.67
CA VAL D 79 -17.27 11.16 10.22
C VAL D 79 -16.98 9.72 9.83
N LEU D 80 -16.04 9.10 10.54
CA LEU D 80 -15.64 7.74 10.24
C LEU D 80 -16.77 6.75 10.51
N GLU D 81 -17.48 6.94 11.61
CA GLU D 81 -18.60 6.08 11.96
C GLU D 81 -19.73 6.23 10.95
N LYS D 82 -19.94 7.46 10.49
CA LYS D 82 -21.00 7.77 9.54
C LYS D 82 -20.71 7.16 8.17
N PHE D 83 -19.43 7.18 7.77
CA PHE D 83 -19.03 6.59 6.50
C PHE D 83 -19.33 5.10 6.49
N ILE D 84 -18.95 4.42 7.56
CA ILE D 84 -19.11 2.97 7.67
C ILE D 84 -20.59 2.60 7.67
N GLN D 85 -21.39 3.34 8.43
CA GLN D 85 -22.82 3.08 8.49
C GLN D 85 -23.48 3.34 7.14
N ASP D 86 -23.08 4.43 6.49
CA ASP D 86 -23.60 4.76 5.17
C ASP D 86 -23.16 3.74 4.12
N TRP D 87 -21.89 3.33 4.20
CA TRP D 87 -21.35 2.35 3.26
C TRP D 87 -22.15 1.06 3.30
N GLN D 88 -22.46 0.59 4.50
CA GLN D 88 -23.24 -0.62 4.66
C GLN D 88 -24.55 -0.51 3.91
N GLU D 89 -25.14 0.68 3.93
CA GLU D 89 -26.38 0.92 3.21
C GLU D 89 -26.18 0.78 1.70
N ARG D 90 -25.10 1.36 1.18
CA ARG D 90 -24.80 1.34 -0.26
C ARG D 90 -24.59 -0.08 -0.77
N VAL D 91 -23.93 -0.90 0.03
CA VAL D 91 -23.64 -2.28 -0.35
C VAL D 91 -24.91 -3.10 -0.28
N LYS D 92 -25.69 -2.89 0.77
CA LYS D 92 -26.93 -3.61 0.97
C LYS D 92 -27.89 -3.38 -0.18
N GLU D 93 -27.84 -2.18 -0.76
CA GLU D 93 -28.70 -1.84 -1.87
C GLU D 93 -28.18 -2.44 -3.16
N GLU D 94 -26.86 -2.49 -3.28
CA GLU D 94 -26.24 -3.13 -4.43
C GLU D 94 -26.56 -4.61 -4.41
N LEU D 95 -26.66 -5.17 -3.22
CA LEU D 95 -27.04 -6.57 -3.06
C LEU D 95 -28.41 -6.81 -3.65
N GLU D 96 -29.36 -5.96 -3.29
CA GLU D 96 -30.73 -6.05 -3.81
C GLU D 96 -30.70 -5.96 -5.33
N ALA D 97 -29.94 -5.00 -5.85
CA ALA D 97 -29.83 -4.80 -7.29
C ALA D 97 -29.29 -6.06 -7.97
N LYS D 98 -28.27 -6.66 -7.36
CA LYS D 98 -27.64 -7.87 -7.87
C LYS D 98 -28.63 -9.01 -7.91
N LYS D 99 -29.36 -9.19 -6.82
CA LYS D 99 -30.36 -10.23 -6.73
C LYS D 99 -31.43 -10.02 -7.80
N LYS D 100 -31.79 -8.77 -8.04
CA LYS D 100 -32.80 -8.46 -9.04
C LYS D 100 -32.27 -8.76 -10.43
N ALA D 101 -30.98 -8.53 -10.63
CA ALA D 101 -30.35 -8.79 -11.92
C ALA D 101 -30.26 -10.29 -12.17
N LYS D 102 -30.01 -11.05 -11.10
CA LYS D 102 -29.90 -12.50 -11.21
C LYS D 102 -31.24 -13.11 -11.60
N GLU D 103 -32.27 -12.77 -10.84
CA GLU D 103 -33.60 -13.29 -11.09
C GLU D 103 -34.04 -12.96 -12.51
N GLU D 104 -33.68 -11.76 -12.98
CA GLU D 104 -34.08 -11.37 -14.32
C GLU D 104 -33.37 -12.24 -15.34
N LEU D 105 -32.06 -12.39 -15.19
CA LEU D 105 -31.26 -13.24 -16.09
C LEU D 105 -31.83 -14.66 -16.16
N LEU D 106 -32.08 -15.24 -15.00
CA LEU D 106 -32.68 -16.57 -14.93
C LEU D 106 -33.97 -16.61 -15.75
N GLU D 107 -34.73 -15.52 -15.69
CA GLU D 107 -35.96 -15.41 -16.47
C GLU D 107 -35.66 -15.25 -17.96
N LEU D 108 -34.71 -14.38 -18.27
CA LEU D 108 -34.36 -14.15 -19.68
C LEU D 108 -33.79 -15.42 -20.33
N MET D 109 -33.10 -16.24 -19.54
CA MET D 109 -32.41 -17.42 -20.08
C MET D 109 -33.26 -18.68 -20.06
N ALA D 110 -34.43 -18.61 -19.43
CA ALA D 110 -35.34 -19.74 -19.33
C ALA D 110 -35.61 -20.37 -20.69
N PRO D 111 -36.02 -19.56 -21.68
CA PRO D 111 -36.28 -20.08 -23.03
C PRO D 111 -35.06 -20.77 -23.63
N LEU D 112 -33.88 -20.25 -23.34
CA LEU D 112 -32.63 -20.82 -23.82
C LEU D 112 -32.37 -22.21 -23.26
N ILE D 113 -32.65 -22.40 -21.97
CA ILE D 113 -32.44 -23.69 -21.32
C ILE D 113 -33.66 -24.60 -21.42
N GLU D 114 -33.92 -25.13 -22.61
CA GLU D 114 -35.03 -26.07 -22.76
C GLU D 114 -34.54 -27.50 -22.81
N THR D 115 -35.48 -28.45 -22.85
CA THR D 115 -35.13 -29.87 -22.92
C THR D 115 -34.56 -30.18 -24.29
N GLU D 116 -33.24 -30.35 -24.36
CA GLU D 116 -32.57 -30.62 -25.64
C GLU D 116 -31.88 -32.00 -25.84
N VAL D 117 -31.61 -32.79 -24.80
CA VAL D 117 -31.93 -32.51 -23.40
C VAL D 117 -30.78 -32.90 -22.48
N PRO D 118 -29.98 -31.92 -22.05
CA PRO D 118 -30.07 -30.52 -22.50
C PRO D 118 -29.17 -30.25 -23.70
N LYS D 119 -28.89 -28.98 -23.95
CA LYS D 119 -27.97 -28.60 -25.02
C LYS D 119 -26.60 -29.24 -24.81
N TYR D 120 -26.18 -29.36 -23.55
CA TYR D 120 -24.93 -30.03 -23.24
C TYR D 120 -25.25 -31.38 -22.61
N GLY D 121 -25.00 -32.44 -23.37
CA GLY D 121 -25.31 -33.79 -22.93
C GLY D 121 -24.50 -34.78 -23.74
N VAL D 122 -24.44 -36.02 -23.26
CA VAL D 122 -23.67 -37.05 -23.94
C VAL D 122 -22.18 -36.86 -23.70
N GLU D 123 -21.84 -35.81 -22.95
CA GLU D 123 -20.45 -35.54 -22.58
C GLU D 123 -20.16 -36.15 -21.23
N ARG D 124 -19.16 -37.02 -21.16
CA ARG D 124 -18.92 -37.83 -19.98
C ARG D 124 -17.66 -37.43 -19.21
N VAL D 125 -17.07 -36.31 -19.59
CA VAL D 125 -15.92 -35.79 -18.85
C VAL D 125 -15.85 -34.27 -18.96
N TRP D 126 -15.78 -33.59 -17.83
CA TRP D 126 -15.60 -32.14 -17.80
C TRP D 126 -14.57 -31.76 -16.76
N VAL D 127 -13.88 -30.65 -17.01
CA VAL D 127 -12.92 -30.13 -16.06
C VAL D 127 -13.45 -28.82 -15.46
N VAL D 128 -13.16 -28.62 -14.18
CA VAL D 128 -13.55 -27.42 -13.45
C VAL D 128 -12.33 -26.80 -12.74
N ARG D 129 -12.10 -25.51 -12.96
CA ARG D 129 -10.95 -24.80 -12.40
C ARG D 129 -11.22 -24.15 -11.04
N GLY D 130 -10.33 -24.40 -10.08
CA GLY D 130 -10.40 -23.76 -8.78
C GLY D 130 -11.31 -24.45 -7.80
N ILE D 131 -10.76 -24.83 -6.66
CA ILE D 131 -11.51 -25.49 -5.59
C ILE D 131 -12.75 -24.67 -5.19
N LYS D 132 -12.67 -23.36 -5.38
CA LYS D 132 -13.78 -22.48 -5.05
C LYS D 132 -14.99 -22.75 -5.96
N ASN D 133 -14.74 -23.37 -7.11
CA ASN D 133 -15.79 -23.63 -8.08
C ASN D 133 -16.25 -25.10 -8.04
N SER D 134 -15.78 -25.82 -7.03
CA SER D 134 -16.08 -27.23 -6.89
C SER D 134 -17.57 -27.52 -6.98
N THR D 135 -18.37 -26.77 -6.24
CA THR D 135 -19.80 -27.02 -6.13
C THR D 135 -20.57 -26.67 -7.41
N LEU D 136 -19.97 -25.88 -8.30
CA LEU D 136 -20.66 -25.49 -9.52
C LEU D 136 -20.96 -26.72 -10.38
N LYS D 137 -20.24 -27.81 -10.13
CA LYS D 137 -20.53 -29.06 -10.80
C LYS D 137 -21.16 -30.06 -9.83
N THR D 138 -20.56 -30.23 -8.66
CA THR D 138 -21.05 -31.23 -7.70
C THR D 138 -22.51 -31.03 -7.34
N LYS D 139 -22.96 -29.78 -7.37
CA LYS D 139 -24.36 -29.48 -7.11
C LYS D 139 -25.23 -30.30 -8.06
N GLU D 140 -24.89 -30.22 -9.34
CA GLU D 140 -25.60 -30.98 -10.37
C GLU D 140 -25.57 -32.49 -10.07
N MET D 141 -24.42 -32.97 -9.61
CA MET D 141 -24.26 -34.37 -9.26
C MET D 141 -25.24 -34.81 -8.18
N LEU D 142 -25.48 -33.94 -7.21
CA LEU D 142 -26.36 -34.24 -6.09
C LEU D 142 -27.83 -34.12 -6.49
N GLU D 143 -28.13 -33.19 -7.39
CA GLU D 143 -29.51 -32.96 -7.80
C GLU D 143 -30.05 -34.10 -8.66
N GLU D 144 -29.15 -34.83 -9.31
CA GLU D 144 -29.52 -35.86 -10.26
C GLU D 144 -29.25 -37.26 -9.71
N ALA D 145 -28.66 -37.32 -8.52
CA ALA D 145 -28.38 -38.59 -7.89
C ALA D 145 -29.69 -39.37 -7.69
N GLN D 146 -29.72 -40.59 -8.19
CA GLN D 146 -30.92 -41.41 -8.14
C GLN D 146 -30.77 -42.66 -7.27
N ASN D 147 -29.54 -43.17 -7.18
CA ASN D 147 -29.31 -44.42 -6.47
C ASN D 147 -28.45 -44.22 -5.21
N GLU D 148 -27.22 -43.75 -5.39
CA GLU D 148 -26.26 -43.69 -4.29
C GLU D 148 -25.43 -42.41 -4.29
N ILE D 149 -25.08 -41.95 -3.09
CA ILE D 149 -24.19 -40.79 -2.95
C ILE D 149 -23.09 -41.12 -1.94
N LEU D 150 -21.84 -41.12 -2.41
CA LEU D 150 -20.69 -41.39 -1.55
C LEU D 150 -19.76 -40.20 -1.52
N LEU D 151 -19.78 -39.48 -0.40
CA LEU D 151 -19.01 -38.26 -0.25
C LEU D 151 -17.87 -38.43 0.74
N ALA D 152 -16.65 -38.18 0.27
CA ALA D 152 -15.48 -38.10 1.14
C ALA D 152 -15.00 -36.65 1.16
N ASP D 153 -15.70 -35.81 1.91
CA ASP D 153 -15.52 -34.37 1.80
C ASP D 153 -14.23 -33.88 2.46
N ASP D 154 -13.52 -33.01 1.75
CA ASP D 154 -12.29 -32.40 2.23
C ASP D 154 -12.64 -31.06 2.86
N GLY D 155 -13.87 -30.62 2.62
CA GLY D 155 -14.36 -29.35 3.11
C GLY D 155 -14.64 -28.41 1.96
N PHE D 156 -14.49 -28.91 0.73
CA PHE D 156 -14.64 -28.07 -0.46
C PHE D 156 -15.37 -28.80 -1.59
N ILE D 157 -15.46 -30.12 -1.49
CA ILE D 157 -16.17 -30.91 -2.50
C ILE D 157 -17.64 -30.51 -2.57
N ALA D 158 -18.29 -30.42 -1.41
CA ALA D 158 -19.72 -30.13 -1.36
C ALA D 158 -20.04 -29.11 -0.28
N VAL D 159 -19.38 -27.95 -0.34
CA VAL D 159 -19.63 -26.88 0.61
C VAL D 159 -21.02 -26.29 0.41
N ASN D 160 -21.78 -26.16 1.48
CA ASN D 160 -23.10 -25.53 1.43
C ASN D 160 -24.09 -26.28 0.55
N LEU D 161 -23.84 -27.55 0.31
CA LEU D 161 -24.73 -28.36 -0.52
C LEU D 161 -25.60 -29.30 0.34
N GLU D 162 -25.58 -29.08 1.65
CA GLU D 162 -26.32 -29.93 2.58
C GLU D 162 -27.78 -30.07 2.18
N ASP D 163 -28.41 -28.97 1.75
CA ASP D 163 -29.82 -28.99 1.41
C ASP D 163 -30.13 -29.99 0.29
N ASP D 164 -29.21 -30.10 -0.67
CA ASP D 164 -29.41 -31.02 -1.79
C ASP D 164 -29.19 -32.47 -1.36
N ILE D 165 -28.33 -32.66 -0.37
CA ILE D 165 -28.06 -33.98 0.16
C ILE D 165 -29.28 -34.53 0.88
N ILE D 166 -29.84 -33.73 1.78
CA ILE D 166 -31.03 -34.15 2.51
C ILE D 166 -32.17 -34.33 1.53
N LYS D 167 -32.19 -33.54 0.47
CA LYS D 167 -33.24 -33.65 -0.54
C LYS D 167 -33.07 -34.95 -1.31
N ALA D 168 -31.82 -35.30 -1.59
CA ALA D 168 -31.50 -36.55 -2.26
C ALA D 168 -31.87 -37.74 -1.38
N VAL D 169 -31.54 -37.63 -0.10
CA VAL D 169 -31.86 -38.67 0.87
C VAL D 169 -33.38 -38.88 0.93
N ASP D 170 -34.13 -37.80 0.74
CA ASP D 170 -35.59 -37.86 0.78
C ASP D 170 -36.16 -38.65 -0.40
N ARG D 171 -35.54 -38.53 -1.57
CA ARG D 171 -36.04 -39.22 -2.75
C ARG D 171 -35.44 -40.61 -2.88
N GLY D 172 -34.97 -41.14 -1.75
CA GLY D 172 -34.53 -42.53 -1.67
C GLY D 172 -33.15 -42.83 -2.21
N VAL D 173 -32.19 -41.94 -1.97
CA VAL D 173 -30.80 -42.22 -2.36
C VAL D 173 -30.00 -42.60 -1.13
N LYS D 174 -29.30 -43.73 -1.21
CA LYS D 174 -28.43 -44.18 -0.14
C LYS D 174 -27.24 -43.25 -0.05
N THR D 175 -26.98 -42.71 1.13
CA THR D 175 -25.96 -41.69 1.29
C THR D 175 -24.94 -42.05 2.37
N LYS D 176 -23.68 -42.13 1.97
CA LYS D 176 -22.58 -42.32 2.91
C LYS D 176 -21.72 -41.08 2.92
N ILE D 177 -21.57 -40.45 4.08
CA ILE D 177 -20.81 -39.23 4.19
C ILE D 177 -19.57 -39.45 5.05
N LEU D 178 -18.40 -39.25 4.44
CA LEU D 178 -17.13 -39.39 5.13
C LEU D 178 -16.42 -38.04 5.24
N LEU D 179 -16.27 -37.55 6.45
CA LEU D 179 -15.68 -36.24 6.68
C LEU D 179 -14.38 -36.32 7.48
N THR D 180 -13.49 -35.36 7.22
CA THR D 180 -12.32 -35.18 8.06
C THR D 180 -12.77 -34.64 9.41
N LYS D 181 -12.04 -34.98 10.46
CA LYS D 181 -12.48 -34.65 11.82
C LYS D 181 -12.63 -33.15 12.06
N ASN D 182 -11.91 -32.34 11.29
CA ASN D 182 -11.95 -30.89 11.47
C ASN D 182 -13.23 -30.28 10.92
N LEU D 183 -14.00 -31.06 10.19
CA LEU D 183 -15.26 -30.61 9.61
C LEU D 183 -16.44 -30.76 10.58
N LEU D 184 -16.41 -31.84 11.35
CA LEU D 184 -17.50 -32.17 12.27
C LEU D 184 -17.98 -30.96 13.08
N PRO D 185 -17.05 -30.11 13.54
CA PRO D 185 -17.45 -28.95 14.35
C PRO D 185 -18.56 -28.10 13.74
N ARG D 186 -18.94 -28.34 12.49
CA ARG D 186 -20.03 -27.58 11.90
C ARG D 186 -21.22 -28.46 11.54
N LEU D 187 -21.55 -29.37 12.45
CA LEU D 187 -22.75 -30.19 12.35
C LEU D 187 -23.65 -29.89 13.54
N LYS D 188 -23.44 -28.73 14.15
CA LYS D 188 -24.15 -28.37 15.37
C LYS D 188 -25.60 -27.88 15.23
N ALA D 189 -25.96 -26.98 14.30
CA ALA D 189 -25.18 -26.43 13.17
C ALA D 189 -25.13 -27.46 12.04
N SER D 190 -26.09 -28.39 12.06
CA SER D 190 -26.29 -29.31 10.96
C SER D 190 -27.78 -29.52 10.67
N LYS D 191 -28.04 -30.35 9.67
CA LYS D 191 -29.39 -30.74 9.29
C LYS D 191 -29.37 -32.25 9.05
N ILE D 192 -28.20 -32.75 8.68
CA ILE D 192 -28.03 -34.18 8.48
C ILE D 192 -28.05 -34.81 9.87
N ILE D 193 -27.74 -34.02 10.88
CA ILE D 193 -27.98 -34.37 12.26
C ILE D 193 -29.21 -33.53 12.65
N ASP D 194 -30.34 -34.14 12.98
CA ASP D 194 -30.53 -35.56 13.25
C ASP D 194 -31.15 -36.29 12.05
N TYR D 195 -30.44 -36.29 10.94
CA TYR D 195 -30.85 -37.07 9.78
C TYR D 195 -29.98 -38.31 9.68
N ALA D 196 -28.79 -38.23 10.27
CA ALA D 196 -27.88 -39.36 10.33
C ALA D 196 -28.25 -40.29 11.48
N LYS D 197 -28.39 -39.71 12.67
CA LYS D 197 -28.76 -40.48 13.85
C LYS D 197 -30.13 -41.15 13.67
N GLU D 198 -30.96 -40.57 12.82
CA GLU D 198 -32.25 -41.16 12.45
C GLU D 198 -32.07 -42.40 11.58
N GLY D 199 -30.91 -42.52 10.94
CA GLY D 199 -30.62 -43.66 10.11
C GLY D 199 -30.97 -43.44 8.65
N LYS D 200 -31.38 -42.22 8.33
CA LYS D 200 -31.75 -41.87 6.96
C LYS D 200 -30.49 -41.75 6.09
N LEU D 201 -29.33 -41.76 6.74
CA LEU D 201 -28.05 -41.74 6.04
C LEU D 201 -26.94 -42.11 7.00
N GLU D 202 -25.73 -42.31 6.49
CA GLU D 202 -24.59 -42.65 7.33
C GLU D 202 -23.54 -41.55 7.31
N LEU D 203 -22.83 -41.40 8.43
CA LEU D 203 -21.84 -40.36 8.55
C LEU D 203 -20.64 -40.83 9.38
N ARG D 204 -19.47 -40.86 8.75
CA ARG D 204 -18.24 -41.29 9.42
C ARG D 204 -17.10 -40.30 9.23
N ALA D 205 -16.33 -40.11 10.30
CA ALA D 205 -15.23 -39.15 10.28
C ALA D 205 -13.88 -39.84 10.25
N LEU D 206 -12.88 -39.15 9.74
CA LEU D 206 -11.55 -39.72 9.58
C LEU D 206 -10.48 -38.62 9.61
N ASP D 207 -9.36 -38.91 10.25
CA ASP D 207 -8.28 -37.94 10.39
C ASP D 207 -7.71 -37.51 9.05
N LYS D 208 -7.40 -38.48 8.21
CA LYS D 208 -6.66 -38.22 6.97
C LYS D 208 -7.00 -39.20 5.86
N PHE D 209 -7.31 -38.66 4.68
CA PHE D 209 -7.38 -39.46 3.47
C PHE D 209 -6.93 -38.64 2.26
N ASP D 210 -6.13 -39.25 1.40
CA ASP D 210 -5.42 -38.52 0.34
C ASP D 210 -6.28 -38.17 -0.87
N LEU D 211 -7.39 -38.87 -1.06
CA LEU D 211 -8.20 -38.66 -2.26
C LEU D 211 -9.66 -38.35 -1.94
N PRO D 212 -9.92 -37.10 -1.52
CA PRO D 212 -11.31 -36.64 -1.30
C PRO D 212 -12.10 -36.77 -2.60
N MET D 213 -13.37 -37.14 -2.51
CA MET D 213 -14.15 -37.38 -3.72
C MET D 213 -15.65 -37.29 -3.48
N LEU D 214 -16.40 -37.17 -4.56
CA LEU D 214 -17.86 -37.27 -4.52
C LEU D 214 -18.33 -38.23 -5.60
N ILE D 215 -18.96 -39.33 -5.19
CA ILE D 215 -19.55 -40.27 -6.12
C ILE D 215 -21.07 -40.17 -6.09
N CYS D 216 -21.67 -40.09 -7.27
CA CYS D 216 -23.13 -40.07 -7.37
C CYS D 216 -23.56 -40.96 -8.53
N ASP D 217 -24.17 -42.09 -8.21
CA ASP D 217 -24.51 -43.07 -9.24
C ASP D 217 -23.24 -43.51 -9.98
N GLU D 218 -23.22 -43.31 -11.29
CA GLU D 218 -22.06 -43.66 -12.10
C GLU D 218 -21.24 -42.42 -12.43
N GLU D 219 -21.21 -41.48 -11.50
CA GLU D 219 -20.43 -40.26 -11.66
C GLU D 219 -19.47 -40.10 -10.51
N VAL D 220 -18.26 -39.65 -10.83
CA VAL D 220 -17.25 -39.42 -9.82
C VAL D 220 -16.67 -38.03 -10.02
N PHE D 221 -16.48 -37.32 -8.91
CA PHE D 221 -15.87 -35.99 -8.94
C PHE D 221 -14.67 -35.96 -8.01
N PHE D 222 -13.52 -35.54 -8.53
CA PHE D 222 -12.33 -35.45 -7.70
C PHE D 222 -11.48 -34.25 -8.12
N ALA D 223 -10.60 -33.83 -7.21
CA ALA D 223 -9.69 -32.74 -7.54
C ALA D 223 -8.27 -33.30 -7.68
N LEU D 224 -7.53 -32.76 -8.63
CA LEU D 224 -6.11 -33.07 -8.74
C LEU D 224 -5.38 -32.28 -7.67
N GLU D 225 -4.04 -32.32 -7.67
CA GLU D 225 -3.29 -31.69 -6.60
C GLU D 225 -1.98 -31.09 -7.12
N ASP D 226 -1.91 -29.75 -7.10
CA ASP D 226 -0.70 -29.03 -7.50
C ASP D 226 -0.54 -27.74 -6.72
N LEU D 227 0.55 -27.66 -5.95
CA LEU D 227 0.80 -26.49 -5.10
C LEU D 227 0.74 -25.18 -5.88
N ALA D 228 1.46 -25.11 -6.99
CA ALA D 228 1.47 -23.91 -7.82
C ALA D 228 0.06 -23.54 -8.31
N ALA D 229 -0.70 -24.56 -8.72
CA ALA D 229 -2.04 -24.34 -9.24
C ALA D 229 -2.96 -23.68 -8.21
N ARG D 230 -2.87 -24.15 -6.97
CA ARG D 230 -3.74 -23.68 -5.90
C ARG D 230 -3.39 -22.26 -5.46
N TYR D 231 -2.12 -21.90 -5.58
CA TYR D 231 -1.68 -20.54 -5.28
C TYR D 231 -2.37 -19.54 -6.20
N PHE D 232 -2.76 -20.01 -7.38
CA PHE D 232 -3.40 -19.13 -8.35
C PHE D 232 -4.87 -19.48 -8.55
N ASN D 233 -5.44 -20.17 -7.56
CA ASN D 233 -6.84 -20.56 -7.60
C ASN D 233 -7.17 -21.21 -8.95
N TYR D 234 -6.37 -22.20 -9.33
CA TYR D 234 -6.47 -22.81 -10.66
C TYR D 234 -6.36 -24.34 -10.59
N GLU D 235 -6.55 -24.89 -9.40
CA GLU D 235 -6.49 -26.34 -9.21
C GLU D 235 -7.45 -27.03 -10.16
N THR D 236 -7.02 -28.17 -10.69
CA THR D 236 -7.87 -28.88 -11.64
C THR D 236 -8.73 -29.93 -10.94
N GLN D 237 -10.03 -29.85 -11.21
CA GLN D 237 -10.99 -30.82 -10.73
C GLN D 237 -11.63 -31.52 -11.93
N VAL D 238 -11.90 -32.81 -11.78
CA VAL D 238 -12.40 -33.62 -12.88
C VAL D 238 -13.73 -34.27 -12.57
N TRP D 239 -14.63 -34.28 -13.55
CA TRP D 239 -15.89 -35.01 -13.47
C TRP D 239 -15.95 -36.10 -14.53
N ILE D 240 -16.06 -37.35 -14.09
CA ILE D 240 -16.09 -38.47 -15.02
C ILE D 240 -17.38 -39.28 -14.87
N LYS D 241 -18.02 -39.54 -16.02
CA LYS D 241 -19.21 -40.38 -16.07
C LYS D 241 -18.86 -41.73 -16.71
N ASP D 242 -18.43 -42.68 -15.87
CA ASP D 242 -18.06 -44.00 -16.35
C ASP D 242 -18.14 -45.02 -15.21
N HIS D 243 -18.84 -46.12 -15.45
CA HIS D 243 -19.10 -47.09 -14.38
C HIS D 243 -17.82 -47.75 -13.90
N ARG D 244 -16.84 -47.90 -14.80
CA ARG D 244 -15.58 -48.54 -14.45
C ARG D 244 -14.69 -47.62 -13.62
N VAL D 245 -14.61 -46.35 -14.01
CA VAL D 245 -13.80 -45.38 -13.31
C VAL D 245 -14.40 -45.11 -11.94
N VAL D 246 -15.71 -44.87 -11.92
CA VAL D 246 -16.42 -44.62 -10.68
C VAL D 246 -16.25 -45.81 -9.76
N ALA D 247 -16.34 -47.01 -10.33
CA ALA D 247 -16.23 -48.23 -9.55
C ALA D 247 -14.86 -48.31 -8.87
N LEU D 248 -13.83 -47.87 -9.57
CA LEU D 248 -12.49 -47.87 -9.00
C LEU D 248 -12.42 -46.92 -7.80
N PHE D 249 -12.84 -45.68 -8.00
CA PHE D 249 -12.90 -44.70 -6.93
C PHE D 249 -13.74 -45.18 -5.75
N LYS D 250 -14.80 -45.91 -6.05
CA LYS D 250 -15.69 -46.43 -5.02
C LYS D 250 -14.99 -47.49 -4.19
N GLU D 251 -14.07 -48.24 -4.81
CA GLU D 251 -13.26 -49.19 -4.06
C GLU D 251 -12.40 -48.44 -3.05
N LYS D 252 -11.91 -47.26 -3.45
CA LYS D 252 -11.06 -46.46 -2.57
C LYS D 252 -11.89 -45.82 -1.47
N PHE D 253 -13.07 -45.33 -1.83
CA PHE D 253 -13.99 -44.78 -0.84
C PHE D 253 -14.27 -45.82 0.22
N ASN D 254 -14.67 -47.01 -0.23
CA ASN D 254 -14.96 -48.11 0.68
C ASN D 254 -13.74 -48.42 1.56
N GLU D 255 -12.55 -48.29 0.99
CA GLU D 255 -11.32 -48.48 1.75
C GLU D 255 -11.26 -47.47 2.89
N TYR D 256 -11.51 -46.21 2.56
CA TYR D 256 -11.54 -45.15 3.55
C TYR D 256 -12.66 -45.39 4.57
N TRP D 257 -13.81 -45.86 4.08
CA TRP D 257 -15.03 -45.96 4.87
C TRP D 257 -14.98 -47.07 5.93
N GLU D 258 -14.09 -48.05 5.72
CA GLU D 258 -13.96 -49.16 6.65
C GLU D 258 -12.95 -48.85 7.74
N LYS D 259 -12.49 -47.60 7.76
CA LYS D 259 -11.52 -47.14 8.73
C LYS D 259 -12.06 -45.91 9.44
N ALA D 260 -13.16 -45.38 8.91
CA ALA D 260 -13.76 -44.18 9.45
C ALA D 260 -14.52 -44.51 10.74
N GLU D 261 -14.90 -43.48 11.49
CA GLU D 261 -15.61 -43.68 12.74
C GLU D 261 -17.11 -43.45 12.54
N LYS D 262 -17.91 -44.26 13.21
CA LYS D 262 -19.37 -44.22 13.08
C LYS D 262 -19.99 -42.94 13.63
N VAL D 263 -19.17 -42.08 14.21
CA VAL D 263 -19.63 -40.82 14.76
C VAL D 263 -20.46 -40.04 13.74
#